data_4MQQ
#
_entry.id   4MQQ
#
_cell.length_a   62.948
_cell.length_b   66.352
_cell.length_c   203.972
_cell.angle_alpha   90.00
_cell.angle_beta   90.00
_cell.angle_gamma   90.00
#
_symmetry.space_group_name_H-M   'P 21 21 21'
#
loop_
_entity.id
_entity.type
_entity.pdbx_description
1 polymer 'Adenosylmethionine-8-amino-7-oxononanoate aminotransferase'
2 non-polymer 1,2-ETHANEDIOL
3 non-polymer 'CHLORIDE ION'
4 non-polymer '(4-{[(E)-(1,3-benzothiazol-2-ylcarbonyl)diazenyl]methyl}-5-hydroxy-6-methylpyridin-3-yl)methyl dihydrogen phosphate'
5 non-polymer IMIDAZOLE
6 water water
#
_entity_poly.entity_id   1
_entity_poly.type   'polypeptide(L)'
_entity_poly.pdbx_seq_one_letter_code
;MGSSHHHHHHSSGLVPRGSHMAAATGGLTPEQIIAVDGAHLWHPYSSIGREAVSPVVAVAAHGAWLTLIRDGQPIEVLDA
MSSWWTAIHGHGHPALDQALTTQLRVMNHVMFGGLTHEPAARLAKLLVDITPAGLDTVFFSDSGSVSVEVAAKMALQYWR
GRGLPGKRRLMTWRGGYHGDTFLAMSICDPHGGMHSLWTDVLAAQVFAPQVPRDYDPAYSAAFEAQLAQHAGELAAVVVE
PVVQGAGGMRFHDPRYLHDLRDICRRYEVLLIFDEIATGFGRTGALFAADHAGVSPDIMCVGKALTGGYLSLAATLCTAD
VAHTISAGAAGALMHGPTFMANPLACAVSVASVELLLGQDWRTRITELAAGLTAGLDTARALPAVTDVRVCGAIGVIECD
RPVDLAVATPAALDRGVWLRPFRNLVYAMPPYICTPAEITQITSAMVEVARLVGSLP
;
_entity_poly.pdbx_strand_id   A,B
#
loop_
_chem_comp.id
_chem_comp.type
_chem_comp.name
_chem_comp.formula
2B6 non-polymer '(4-{[(E)-(1,3-benzothiazol-2-ylcarbonyl)diazenyl]methyl}-5-hydroxy-6-methylpyridin-3-yl)methyl dihydrogen phosphate' 'C16 H15 N4 O6 P S'
CL non-polymer 'CHLORIDE ION' 'Cl -1'
EDO non-polymer 1,2-ETHANEDIOL 'C2 H6 O2'
IMD non-polymer IMIDAZOLE 'C3 H5 N2 1'
#
# COMPACT_ATOMS: atom_id res chain seq x y z
N LEU A 28 8.18 -2.43 -26.44
CA LEU A 28 8.53 -1.00 -26.66
C LEU A 28 10.03 -0.79 -26.65
N THR A 29 10.51 0.10 -27.53
CA THR A 29 11.91 0.50 -27.55
C THR A 29 12.13 1.53 -26.43
N PRO A 30 13.39 1.75 -26.01
CA PRO A 30 13.67 2.79 -25.00
C PRO A 30 13.12 4.17 -25.37
N GLU A 31 13.23 4.55 -26.65
CA GLU A 31 12.64 5.80 -27.14
C GLU A 31 11.13 5.81 -26.95
N GLN A 32 10.48 4.70 -27.27
CA GLN A 32 9.03 4.57 -27.14
C GLN A 32 8.60 4.66 -25.67
N ILE A 33 9.39 4.01 -24.81
CA ILE A 33 9.16 4.05 -23.37
C ILE A 33 9.25 5.47 -22.83
N ILE A 34 10.28 6.20 -23.25
CA ILE A 34 10.45 7.61 -22.86
C ILE A 34 9.27 8.46 -23.31
N ALA A 35 8.79 8.23 -24.52
CA ALA A 35 7.66 8.99 -25.07
C ALA A 35 6.38 8.75 -24.27
N VAL A 36 6.09 7.48 -24.00
CA VAL A 36 4.94 7.11 -23.18
C VAL A 36 5.05 7.69 -21.78
N ASP A 37 6.24 7.53 -21.18
CA ASP A 37 6.51 8.00 -19.82
C ASP A 37 6.30 9.50 -19.67
N GLY A 38 6.84 10.28 -20.60
CA GLY A 38 6.70 11.74 -20.56
C GLY A 38 5.26 12.19 -20.66
N ALA A 39 4.47 11.46 -21.46
CA ALA A 39 3.08 11.82 -21.69
C ALA A 39 2.16 11.42 -20.54
N HIS A 40 2.38 10.24 -19.97
CA HIS A 40 1.35 9.59 -19.14
C HIS A 40 1.76 9.20 -17.75
N LEU A 41 3.04 9.22 -17.43
CA LEU A 41 3.52 8.69 -16.15
C LEU A 41 3.96 9.72 -15.11
N TRP A 42 3.30 9.70 -13.96
CA TRP A 42 3.75 10.51 -12.84
CA TRP A 42 3.70 10.47 -12.78
C TRP A 42 4.84 9.78 -12.11
N HIS A 43 5.87 10.52 -11.71
CA HIS A 43 6.97 9.94 -10.93
C HIS A 43 6.95 10.43 -9.51
N PRO A 44 7.70 9.78 -8.59
CA PRO A 44 7.69 10.22 -7.20
C PRO A 44 8.04 11.71 -7.06
N TYR A 45 7.22 12.44 -6.29
N TYR A 45 7.23 12.44 -6.30
CA TYR A 45 7.47 13.84 -5.94
CA TYR A 45 7.52 13.84 -5.96
C TYR A 45 7.90 14.69 -7.13
C TYR A 45 7.94 14.67 -7.16
N SER A 46 7.16 14.57 -8.23
CA SER A 46 7.52 15.21 -9.49
C SER A 46 6.33 15.95 -10.10
N SER A 47 6.62 16.63 -11.20
CA SER A 47 5.61 17.30 -11.99
CA SER A 47 5.61 17.31 -12.01
C SER A 47 5.27 16.46 -13.22
N ILE A 48 4.28 16.90 -13.98
CA ILE A 48 4.03 16.35 -15.31
C ILE A 48 4.41 17.46 -16.28
N GLY A 49 5.32 17.14 -17.20
CA GLY A 49 5.74 18.08 -18.25
C GLY A 49 6.76 19.13 -17.85
N ARG A 50 7.18 19.13 -16.60
CA ARG A 50 8.10 20.16 -16.08
C ARG A 50 9.34 19.55 -15.41
N GLU A 51 9.67 18.32 -15.79
CA GLU A 51 10.85 17.63 -15.25
C GLU A 51 12.15 18.21 -15.81
N ALA A 52 13.08 18.52 -14.92
CA ALA A 52 14.41 19.03 -15.30
C ALA A 52 15.18 18.00 -16.13
N VAL A 53 15.02 16.72 -15.76
CA VAL A 53 15.63 15.62 -16.48
C VAL A 53 14.58 14.55 -16.82
N SER A 54 14.74 13.88 -17.96
CA SER A 54 13.95 12.69 -18.27
C SER A 54 14.42 11.56 -17.36
N PRO A 55 13.54 10.61 -17.04
CA PRO A 55 14.06 9.45 -16.32
C PRO A 55 14.91 8.61 -17.27
N VAL A 56 15.79 7.78 -16.71
CA VAL A 56 16.63 6.87 -17.50
C VAL A 56 15.89 5.55 -17.60
N VAL A 57 15.89 4.94 -18.78
CA VAL A 57 15.22 3.65 -18.99
C VAL A 57 16.04 2.51 -18.40
N ALA A 58 15.41 1.73 -17.51
CA ALA A 58 16.00 0.53 -16.94
C ALA A 58 15.43 -0.67 -17.68
N VAL A 59 16.31 -1.56 -18.13
CA VAL A 59 15.88 -2.72 -18.94
C VAL A 59 16.16 -4.07 -18.29
N ALA A 60 17.00 -4.09 -17.26
CA ALA A 60 17.32 -5.33 -16.54
C ALA A 60 17.93 -5.03 -15.19
N ALA A 61 17.84 -6.01 -14.29
CA ALA A 61 18.52 -5.93 -13.00
C ALA A 61 18.92 -7.34 -12.59
N HIS A 62 20.21 -7.50 -12.28
CA HIS A 62 20.74 -8.79 -11.87
CA HIS A 62 20.78 -8.80 -11.90
C HIS A 62 21.83 -8.60 -10.85
N GLY A 63 21.66 -9.24 -9.70
CA GLY A 63 22.59 -9.08 -8.57
C GLY A 63 22.63 -7.63 -8.15
N ALA A 64 23.82 -7.07 -7.97
CA ALA A 64 23.96 -5.67 -7.57
C ALA A 64 23.89 -4.66 -8.73
N TRP A 65 23.58 -5.15 -9.94
CA TRP A 65 23.70 -4.35 -11.15
C TRP A 65 22.39 -4.10 -11.87
N LEU A 66 22.25 -2.89 -12.39
CA LEU A 66 21.13 -2.52 -13.24
C LEU A 66 21.64 -2.34 -14.66
N THR A 67 20.81 -2.68 -15.64
CA THR A 67 21.14 -2.35 -17.02
C THR A 67 20.28 -1.16 -17.43
N LEU A 68 20.95 -0.03 -17.69
CA LEU A 68 20.27 1.21 -18.06
C LEU A 68 20.58 1.59 -19.50
N ILE A 69 19.68 2.34 -20.11
CA ILE A 69 19.90 2.83 -21.48
C ILE A 69 20.44 4.26 -21.43
N ARG A 70 21.62 4.45 -22.01
CA ARG A 70 22.23 5.76 -22.06
C ARG A 70 22.71 6.00 -23.49
N ASP A 71 22.19 7.07 -24.10
CA ASP A 71 22.46 7.41 -25.50
C ASP A 71 22.26 6.21 -26.43
N GLY A 72 21.11 5.55 -26.29
CA GLY A 72 20.75 4.40 -27.10
C GLY A 72 21.51 3.13 -26.81
N GLN A 73 22.42 3.17 -25.82
CA GLN A 73 23.26 2.02 -25.51
C GLN A 73 23.03 1.51 -24.08
N PRO A 74 22.91 0.18 -23.93
CA PRO A 74 22.82 -0.40 -22.58
C PRO A 74 24.14 -0.30 -21.83
N ILE A 75 24.07 0.14 -20.57
CA ILE A 75 25.25 0.18 -19.69
C ILE A 75 24.94 -0.50 -18.35
N GLU A 76 25.95 -1.15 -17.79
CA GLU A 76 25.84 -1.82 -16.48
C GLU A 76 26.28 -0.90 -15.37
N VAL A 77 25.40 -0.66 -14.40
CA VAL A 77 25.74 0.22 -13.28
C VAL A 77 25.34 -0.39 -11.94
N LEU A 78 26.09 -0.08 -10.89
CA LEU A 78 25.80 -0.62 -9.56
C LEU A 78 24.58 0.07 -8.95
N ASP A 79 23.71 -0.74 -8.36
CA ASP A 79 22.54 -0.21 -7.67
C ASP A 79 22.94 0.22 -6.27
N ALA A 80 23.61 1.37 -6.20
CA ALA A 80 24.18 1.85 -4.93
C ALA A 80 23.11 2.21 -3.89
N MET A 81 21.89 2.47 -4.35
CA MET A 81 20.76 2.83 -3.47
C MET A 81 19.95 1.62 -3.03
N SER A 82 20.33 0.43 -3.51
N SER A 82 20.35 0.44 -3.50
CA SER A 82 19.52 -0.79 -3.34
CA SER A 82 19.54 -0.79 -3.37
C SER A 82 18.06 -0.56 -3.73
C SER A 82 18.07 -0.54 -3.72
N SER A 83 17.83 0.27 -4.74
CA SER A 83 16.45 0.58 -5.18
C SER A 83 15.61 1.08 -4.01
N TRP A 84 16.10 2.15 -3.40
CA TRP A 84 15.54 2.73 -2.19
C TRP A 84 15.48 1.79 -1.02
N TRP A 85 16.63 1.22 -0.71
N TRP A 85 16.63 1.25 -0.59
CA TRP A 85 16.86 0.45 0.51
CA TRP A 85 16.77 0.41 0.63
C TRP A 85 16.01 -0.79 0.56
C TRP A 85 16.37 -1.04 0.49
N THR A 86 15.73 -1.38 -0.61
CA THR A 86 14.96 -2.63 -0.68
C THR A 86 15.76 -3.87 -1.07
N ALA A 87 16.71 -3.70 -1.99
CA ALA A 87 17.36 -4.86 -2.64
C ALA A 87 18.55 -5.39 -1.85
N ILE A 88 18.29 -5.84 -0.62
CA ILE A 88 19.38 -6.25 0.26
C ILE A 88 20.21 -7.43 -0.25
N HIS A 89 19.55 -8.35 -0.96
CA HIS A 89 20.25 -9.53 -1.52
C HIS A 89 20.54 -9.38 -2.98
N GLY A 90 20.43 -8.14 -3.49
CA GLY A 90 20.50 -7.89 -4.92
C GLY A 90 19.25 -8.34 -5.67
N HIS A 91 19.24 -8.09 -6.98
CA HIS A 91 18.10 -8.43 -7.82
C HIS A 91 18.26 -9.81 -8.38
N GLY A 92 17.15 -10.50 -8.57
CA GLY A 92 17.18 -11.83 -9.20
C GLY A 92 18.06 -12.84 -8.48
N HIS A 93 18.03 -12.81 -7.15
CA HIS A 93 18.68 -13.84 -6.36
C HIS A 93 17.99 -15.17 -6.59
N PRO A 94 18.75 -16.24 -6.90
CA PRO A 94 18.11 -17.51 -7.21
C PRO A 94 17.16 -18.04 -6.11
N ALA A 95 17.49 -17.83 -4.83
CA ALA A 95 16.66 -18.31 -3.72
C ALA A 95 15.31 -17.58 -3.67
N LEU A 96 15.34 -16.27 -3.96
CA LEU A 96 14.12 -15.46 -3.88
C LEU A 96 13.28 -15.65 -5.13
N ASP A 97 13.94 -15.70 -6.29
CA ASP A 97 13.27 -16.00 -7.55
C ASP A 97 12.49 -17.30 -7.44
N GLN A 98 13.13 -18.34 -6.89
N GLN A 98 13.17 -18.32 -6.90
CA GLN A 98 12.49 -19.65 -6.80
CA GLN A 98 12.61 -19.66 -6.73
C GLN A 98 11.43 -19.74 -5.70
C GLN A 98 11.44 -19.67 -5.75
N ALA A 99 11.61 -18.98 -4.62
CA ALA A 99 10.56 -18.89 -3.59
C ALA A 99 9.27 -18.33 -4.22
N LEU A 100 9.44 -17.32 -5.08
N LEU A 100 9.44 -17.34 -5.10
CA LEU A 100 8.30 -16.71 -5.76
CA LEU A 100 8.32 -16.69 -5.77
C LEU A 100 7.63 -17.70 -6.72
C LEU A 100 7.63 -17.63 -6.77
N THR A 101 8.42 -18.32 -7.60
CA THR A 101 7.86 -19.23 -8.60
C THR A 101 7.24 -20.47 -7.95
N THR A 102 7.82 -20.94 -6.85
CA THR A 102 7.26 -22.06 -6.09
C THR A 102 5.87 -21.71 -5.57
N GLN A 103 5.73 -20.55 -4.92
CA GLN A 103 4.43 -20.12 -4.42
C GLN A 103 3.43 -19.88 -5.56
N LEU A 104 3.92 -19.32 -6.66
CA LEU A 104 3.10 -19.05 -7.83
C LEU A 104 2.44 -20.33 -8.38
N ARG A 105 3.15 -21.45 -8.28
CA ARG A 105 2.63 -22.75 -8.73
C ARG A 105 1.45 -23.23 -7.89
N VAL A 106 1.44 -22.82 -6.62
N VAL A 106 1.42 -22.87 -6.61
CA VAL A 106 0.52 -23.34 -5.61
CA VAL A 106 0.38 -23.39 -5.73
C VAL A 106 -0.70 -22.44 -5.40
C VAL A 106 -0.77 -22.42 -5.45
N MET A 107 -0.45 -21.16 -5.11
CA MET A 107 -1.50 -20.19 -4.74
C MET A 107 -1.01 -18.75 -4.85
N ASN A 108 -1.50 -18.01 -5.84
CA ASN A 108 -1.10 -16.61 -6.01
C ASN A 108 -1.56 -15.72 -4.86
N HIS A 109 -2.83 -15.90 -4.47
CA HIS A 109 -3.47 -15.05 -3.50
C HIS A 109 -4.80 -15.61 -3.11
N VAL A 110 -5.15 -15.46 -1.84
CA VAL A 110 -6.52 -15.65 -1.36
C VAL A 110 -6.85 -14.52 -0.37
N MET A 111 -8.14 -14.22 -0.21
CA MET A 111 -8.58 -13.25 0.81
C MET A 111 -8.18 -13.73 2.21
N PHE A 112 -7.76 -12.78 3.06
CA PHE A 112 -7.32 -13.12 4.42
C PHE A 112 -8.47 -13.03 5.43
N GLY A 113 -9.67 -12.71 4.96
CA GLY A 113 -10.87 -12.71 5.82
C GLY A 113 -11.48 -14.10 5.90
N GLY A 114 -11.26 -14.77 7.02
CA GLY A 114 -11.81 -16.11 7.24
C GLY A 114 -10.90 -17.22 6.77
N LEU A 115 -9.80 -16.86 6.12
CA LEU A 115 -8.82 -17.84 5.65
C LEU A 115 -7.44 -17.48 6.17
N THR A 116 -6.59 -18.48 6.35
CA THR A 116 -5.17 -18.27 6.62
C THR A 116 -4.34 -19.14 5.68
N HIS A 117 -3.01 -18.97 5.71
CA HIS A 117 -2.13 -19.74 4.83
C HIS A 117 -0.72 -19.86 5.32
N GLU A 118 0.02 -20.79 4.71
CA GLU A 118 1.39 -21.10 5.13
C GLU A 118 2.37 -19.92 4.99
N PRO A 119 2.36 -19.21 3.85
CA PRO A 119 3.30 -18.09 3.78
C PRO A 119 3.08 -17.05 4.89
N ALA A 120 1.82 -16.70 5.19
CA ALA A 120 1.53 -15.75 6.27
C ALA A 120 2.00 -16.26 7.63
N ALA A 121 1.75 -17.54 7.90
CA ALA A 121 2.13 -18.15 9.17
C ALA A 121 3.64 -18.27 9.31
N ARG A 122 4.31 -18.71 8.25
CA ARG A 122 5.77 -18.82 8.25
C ARG A 122 6.43 -17.46 8.48
N LEU A 123 5.93 -16.44 7.80
CA LEU A 123 6.47 -15.09 7.95
C LEU A 123 6.20 -14.49 9.32
N ALA A 124 4.97 -14.65 9.83
CA ALA A 124 4.65 -14.14 11.16
C ALA A 124 5.55 -14.79 12.21
N LYS A 125 5.72 -16.11 12.10
CA LYS A 125 6.57 -16.85 13.04
C LYS A 125 8.00 -16.30 13.04
N LEU A 126 8.57 -16.16 11.85
CA LEU A 126 9.91 -15.56 11.69
C LEU A 126 9.98 -14.16 12.30
N LEU A 127 9.02 -13.31 11.97
CA LEU A 127 9.04 -11.92 12.43
C LEU A 127 8.93 -11.77 13.93
N VAL A 128 8.04 -12.56 14.54
N VAL A 128 8.07 -12.55 14.58
CA VAL A 128 7.82 -12.52 15.98
CA VAL A 128 8.00 -12.47 16.04
C VAL A 128 9.06 -13.00 16.74
C VAL A 128 9.32 -12.95 16.65
N ASP A 129 9.84 -13.86 16.11
N ASP A 129 9.89 -14.01 16.09
CA ASP A 129 11.03 -14.44 16.73
CA ASP A 129 11.13 -14.59 16.61
C ASP A 129 12.25 -13.51 16.66
C ASP A 129 12.36 -13.71 16.52
N ILE A 130 12.41 -12.82 15.52
CA ILE A 130 13.62 -12.02 15.27
C ILE A 130 13.52 -10.54 15.68
N THR A 131 12.31 -10.05 15.91
CA THR A 131 12.13 -8.65 16.31
C THR A 131 12.38 -8.51 17.81
N PRO A 132 12.58 -7.26 18.30
CA PRO A 132 12.77 -7.04 19.74
C PRO A 132 11.74 -7.77 20.60
N ALA A 133 12.18 -8.28 21.76
CA ALA A 133 11.32 -9.10 22.62
C ALA A 133 9.96 -8.47 22.90
N GLY A 134 8.93 -9.29 22.88
CA GLY A 134 7.59 -8.85 23.29
C GLY A 134 6.66 -8.52 22.14
N LEU A 135 7.22 -8.42 20.93
CA LEU A 135 6.40 -8.12 19.75
C LEU A 135 5.79 -9.43 19.22
N ASP A 136 4.58 -9.73 19.69
CA ASP A 136 3.99 -11.07 19.54
C ASP A 136 2.92 -11.23 18.46
N THR A 137 2.43 -10.12 17.93
CA THR A 137 1.36 -10.17 16.92
C THR A 137 1.75 -9.35 15.70
N VAL A 138 1.27 -9.78 14.53
CA VAL A 138 1.70 -9.23 13.24
C VAL A 138 0.48 -8.90 12.38
N PHE A 139 0.38 -7.64 11.96
CA PHE A 139 -0.63 -7.18 11.01
C PHE A 139 0.05 -6.85 9.71
N PHE A 140 -0.25 -7.62 8.66
CA PHE A 140 0.35 -7.38 7.34
C PHE A 140 -0.44 -6.32 6.57
N SER A 141 0.30 -5.44 5.87
CA SER A 141 -0.30 -4.49 4.95
C SER A 141 0.55 -4.37 3.67
N ASP A 142 0.17 -3.48 2.76
N ASP A 142 0.17 -3.43 2.81
CA ASP A 142 0.81 -3.48 1.44
CA ASP A 142 0.66 -3.34 1.44
C ASP A 142 1.82 -2.35 1.20
C ASP A 142 1.93 -2.50 1.33
N SER A 143 2.07 -1.53 2.22
CA SER A 143 3.12 -0.49 2.11
C SER A 143 3.48 0.10 3.46
N GLY A 144 4.65 0.73 3.50
CA GLY A 144 5.18 1.33 4.72
C GLY A 144 4.24 2.37 5.30
N SER A 145 3.75 3.29 4.45
N SER A 145 3.74 3.27 4.45
CA SER A 145 2.83 4.33 4.88
CA SER A 145 2.85 4.34 4.92
C SER A 145 1.62 3.70 5.57
C SER A 145 1.57 3.77 5.52
N VAL A 146 1.04 2.70 4.93
CA VAL A 146 -0.13 2.01 5.52
C VAL A 146 0.23 1.38 6.87
N SER A 147 1.40 0.76 6.96
N SER A 147 1.40 0.75 6.94
CA SER A 147 1.83 0.13 8.21
CA SER A 147 1.89 0.14 8.18
C SER A 147 1.99 1.15 9.34
C SER A 147 1.92 1.17 9.31
N VAL A 148 2.35 2.38 8.98
CA VAL A 148 2.41 3.49 9.94
C VAL A 148 1.00 3.90 10.38
N GLU A 149 0.07 3.99 9.43
CA GLU A 149 -1.33 4.29 9.76
C GLU A 149 -1.90 3.19 10.66
N VAL A 150 -1.55 1.93 10.38
CA VAL A 150 -1.98 0.81 11.23
C VAL A 150 -1.42 0.94 12.66
N ALA A 151 -0.14 1.29 12.78
CA ALA A 151 0.49 1.53 14.08
C ALA A 151 -0.24 2.61 14.88
N ALA A 152 -0.58 3.72 14.21
CA ALA A 152 -1.33 4.80 14.86
C ALA A 152 -2.71 4.33 15.29
N LYS A 153 -3.36 3.56 14.43
CA LYS A 153 -4.68 3.02 14.74
C LYS A 153 -4.61 2.08 15.94
N MET A 154 -3.58 1.24 16.00
CA MET A 154 -3.36 0.38 17.17
C MET A 154 -3.25 1.20 18.44
N ALA A 155 -2.47 2.28 18.40
CA ALA A 155 -2.27 3.13 19.58
C ALA A 155 -3.58 3.79 20.01
N LEU A 156 -4.33 4.33 19.05
CA LEU A 156 -5.57 5.03 19.35
C LEU A 156 -6.59 4.06 19.94
N GLN A 157 -6.75 2.91 19.30
CA GLN A 157 -7.70 1.90 19.79
C GLN A 157 -7.29 1.31 21.13
N TYR A 158 -5.97 1.21 21.37
CA TYR A 158 -5.48 0.76 22.67
C TYR A 158 -6.02 1.64 23.79
N TRP A 159 -5.80 2.94 23.68
CA TRP A 159 -6.24 3.87 24.72
C TRP A 159 -7.71 3.97 24.86
N ARG A 160 -8.43 3.84 23.74
CA ARG A 160 -9.89 3.79 23.79
C ARG A 160 -10.36 2.54 24.54
N GLY A 161 -9.65 1.43 24.32
CA GLY A 161 -9.87 0.20 25.08
C GLY A 161 -9.58 0.34 26.57
N ARG A 162 -8.73 1.31 26.94
CA ARG A 162 -8.43 1.60 28.34
C ARG A 162 -9.35 2.68 28.93
N GLY A 163 -10.33 3.13 28.15
CA GLY A 163 -11.26 4.17 28.58
C GLY A 163 -10.62 5.56 28.64
N LEU A 164 -9.60 5.77 27.82
CA LEU A 164 -8.88 7.05 27.78
C LEU A 164 -8.78 7.59 26.36
N PRO A 165 -9.93 7.94 25.73
CA PRO A 165 -9.94 8.38 24.34
C PRO A 165 -9.29 9.74 24.11
N GLY A 166 -9.01 10.46 25.19
CA GLY A 166 -8.25 11.71 25.10
C GLY A 166 -6.83 11.50 24.63
N LYS A 167 -6.30 10.30 24.83
CA LYS A 167 -4.94 9.98 24.39
C LYS A 167 -5.00 9.66 22.89
N ARG A 168 -4.89 10.70 22.06
N ARG A 168 -4.87 10.71 22.09
CA ARG A 168 -5.10 10.55 20.62
CA ARG A 168 -5.17 10.65 20.65
C ARG A 168 -4.10 11.32 19.76
C ARG A 168 -4.06 11.24 19.78
N ARG A 169 -3.19 12.03 20.39
CA ARG A 169 -2.12 12.72 19.65
C ARG A 169 -0.85 11.88 19.60
N LEU A 170 0.03 12.23 18.68
CA LEU A 170 1.33 11.57 18.54
C LEU A 170 2.42 12.58 18.84
N MET A 171 3.52 12.08 19.38
CA MET A 171 4.72 12.91 19.61
C MET A 171 5.90 12.30 18.88
N THR A 172 6.73 13.16 18.29
CA THR A 172 7.94 12.73 17.64
C THR A 172 9.01 13.81 17.78
N TRP A 173 10.20 13.53 17.26
CA TRP A 173 11.24 14.54 17.14
C TRP A 173 11.35 14.98 15.72
N ARG A 174 11.94 16.16 15.51
CA ARG A 174 12.12 16.69 14.17
C ARG A 174 13.12 15.87 13.34
N GLY A 175 13.10 16.08 12.03
CA GLY A 175 13.97 15.37 11.10
C GLY A 175 13.44 14.05 10.61
N GLY A 176 12.21 13.71 10.99
CA GLY A 176 11.64 12.40 10.69
C GLY A 176 10.86 12.28 9.39
N TYR A 177 10.67 11.05 8.96
CA TYR A 177 9.84 10.73 7.79
C TYR A 177 9.17 9.38 7.99
N HIS A 178 7.87 9.33 7.70
CA HIS A 178 7.09 8.13 7.95
C HIS A 178 6.13 7.76 6.86
N GLY A 179 6.29 8.38 5.69
CA GLY A 179 5.43 8.09 4.56
C GLY A 179 4.55 9.25 4.12
N ASP A 180 3.72 9.00 3.11
CA ASP A 180 3.03 10.05 2.38
C ASP A 180 1.52 10.06 2.51
N THR A 181 0.94 9.08 3.20
CA THR A 181 -0.50 9.14 3.49
C THR A 181 -0.72 10.21 4.56
N PHE A 182 -1.95 10.71 4.69
CA PHE A 182 -2.19 11.93 5.49
C PHE A 182 -1.85 11.83 6.98
N LEU A 183 -2.10 10.70 7.63
CA LEU A 183 -1.69 10.57 9.02
C LEU A 183 -0.17 10.46 9.11
N ALA A 184 0.42 9.63 8.26
CA ALA A 184 1.89 9.53 8.18
C ALA A 184 2.54 10.89 7.98
N MET A 185 1.94 11.73 7.13
CA MET A 185 2.48 13.07 6.86
C MET A 185 2.54 13.92 8.12
N SER A 186 1.59 13.70 9.03
CA SER A 186 1.47 14.55 10.23
C SER A 186 2.65 14.42 11.19
N ILE A 187 3.44 13.36 11.05
CA ILE A 187 4.64 13.18 11.87
C ILE A 187 5.96 13.34 11.09
N CYS A 188 5.86 13.72 9.81
CA CYS A 188 7.02 14.15 9.03
C CYS A 188 7.50 15.47 9.60
N ASP A 189 8.81 15.71 9.46
CA ASP A 189 9.39 16.99 9.84
C ASP A 189 8.59 18.15 9.23
N PRO A 190 8.14 19.10 10.07
CA PRO A 190 7.22 20.18 9.67
C PRO A 190 7.83 21.38 8.92
N HIS A 191 8.97 21.89 9.39
N HIS A 191 8.96 21.89 9.42
CA HIS A 191 9.59 23.09 8.82
CA HIS A 191 9.60 23.06 8.83
C HIS A 191 10.41 22.82 7.59
C HIS A 191 10.92 22.74 8.21
N GLY A 192 10.95 21.62 7.48
CA GLY A 192 12.00 21.30 6.52
C GLY A 192 11.67 20.05 5.74
N GLY A 193 10.74 19.26 6.25
CA GLY A 193 10.34 18.01 5.62
C GLY A 193 9.55 18.24 4.35
N MET A 194 9.43 17.21 3.53
CA MET A 194 8.79 17.32 2.22
C MET A 194 7.30 17.63 2.27
N HIS A 195 6.67 17.45 3.42
CA HIS A 195 5.22 17.66 3.55
C HIS A 195 4.88 18.99 4.16
N SER A 196 5.85 19.91 4.16
CA SER A 196 5.73 21.19 4.87
C SER A 196 4.54 22.06 4.45
N LEU A 197 4.20 22.04 3.16
CA LEU A 197 3.16 22.93 2.61
C LEU A 197 1.75 22.54 3.06
N TRP A 198 1.64 21.40 3.73
N TRP A 198 1.63 21.39 3.69
CA TRP A 198 0.35 20.78 4.10
CA TRP A 198 0.44 21.08 4.44
C TRP A 198 -0.08 20.97 5.54
C TRP A 198 0.69 21.59 5.82
N THR A 199 0.77 21.58 6.37
N THR A 199 0.12 20.97 6.84
CA THR A 199 0.46 21.72 7.80
CA THR A 199 0.25 21.53 8.18
C THR A 199 -1.04 21.93 8.10
C THR A 199 -0.95 22.42 8.48
N ASP A 200 -1.61 22.95 7.44
CA ASP A 200 -2.97 23.47 7.62
C ASP A 200 -4.12 22.44 7.61
N VAL A 201 -3.93 21.30 6.96
CA VAL A 201 -4.99 20.25 6.91
C VAL A 201 -4.57 18.94 7.61
N LEU A 202 -3.36 18.90 8.14
CA LEU A 202 -2.86 17.72 8.84
C LEU A 202 -3.23 17.76 10.31
N ALA A 203 -3.32 16.58 10.92
CA ALA A 203 -3.43 16.48 12.38
C ALA A 203 -2.25 17.19 13.01
N ALA A 204 -2.51 17.98 14.06
CA ALA A 204 -1.44 18.72 14.70
C ALA A 204 -0.77 17.89 15.79
N GLN A 205 0.45 17.46 15.53
CA GLN A 205 1.16 16.58 16.46
C GLN A 205 2.18 17.34 17.30
N VAL A 206 2.80 16.65 18.25
CA VAL A 206 3.78 17.26 19.15
C VAL A 206 5.19 16.96 18.65
N PHE A 207 5.99 18.02 18.46
CA PHE A 207 7.36 17.90 17.96
C PHE A 207 8.40 18.37 18.96
N ALA A 208 9.30 17.46 19.32
CA ALA A 208 10.51 17.81 20.06
C ALA A 208 11.56 18.26 19.04
N PRO A 209 12.58 19.01 19.50
CA PRO A 209 13.64 19.44 18.58
C PRO A 209 14.38 18.25 17.93
N GLN A 210 15.14 18.54 16.88
CA GLN A 210 15.99 17.54 16.24
C GLN A 210 16.86 16.80 17.26
N VAL A 211 16.81 15.47 17.23
CA VAL A 211 17.67 14.66 18.11
C VAL A 211 19.13 14.78 17.63
N PRO A 212 20.05 15.15 18.54
CA PRO A 212 21.44 15.31 18.10
C PRO A 212 22.14 13.98 17.86
N ARG A 213 23.29 14.03 17.17
CA ARG A 213 24.09 12.84 16.92
C ARG A 213 24.67 12.26 18.21
N ASP A 214 25.37 13.12 18.96
CA ASP A 214 26.03 12.70 20.20
C ASP A 214 25.05 12.73 21.36
N TYR A 215 25.26 11.82 22.31
CA TYR A 215 24.37 11.73 23.47
C TYR A 215 24.50 12.94 24.38
N ASP A 216 23.36 13.57 24.66
CA ASP A 216 23.28 14.71 25.55
C ASP A 216 22.10 14.49 26.50
N PRO A 217 22.39 14.23 27.80
CA PRO A 217 21.31 13.99 28.76
C PRO A 217 20.29 15.14 28.80
N ALA A 218 20.74 16.36 28.50
CA ALA A 218 19.88 17.54 28.48
C ALA A 218 18.75 17.43 27.46
N TYR A 219 19.05 16.78 26.33
CA TYR A 219 18.04 16.59 25.29
C TYR A 219 16.91 15.68 25.79
N SER A 220 17.28 14.56 26.39
CA SER A 220 16.31 13.61 26.93
C SER A 220 15.50 14.21 28.07
N ALA A 221 16.16 15.04 28.89
CA ALA A 221 15.48 15.78 29.96
C ALA A 221 14.43 16.73 29.38
N ALA A 222 14.80 17.45 28.31
CA ALA A 222 13.88 18.37 27.64
C ALA A 222 12.73 17.60 26.97
N PHE A 223 13.05 16.45 26.38
CA PHE A 223 12.04 15.58 25.78
C PHE A 223 11.00 15.16 26.82
N GLU A 224 11.48 14.69 27.97
CA GLU A 224 10.60 14.29 29.07
C GLU A 224 9.71 15.44 29.54
N ALA A 225 10.30 16.63 29.72
CA ALA A 225 9.56 17.79 30.20
C ALA A 225 8.42 18.15 29.24
N GLN A 226 8.69 18.09 27.94
CA GLN A 226 7.69 18.37 26.92
C GLN A 226 6.62 17.29 26.86
N LEU A 227 7.04 16.02 26.88
CA LEU A 227 6.08 14.92 26.90
C LEU A 227 5.19 14.99 28.15
N ALA A 228 5.80 15.32 29.29
CA ALA A 228 5.08 15.41 30.56
C ALA A 228 3.85 16.30 30.47
N GLN A 229 3.97 17.42 29.77
CA GLN A 229 2.85 18.36 29.68
C GLN A 229 1.76 17.94 28.68
N HIS A 230 2.07 16.98 27.82
CA HIS A 230 1.08 16.47 26.87
C HIS A 230 0.66 15.05 27.16
N ALA A 231 1.13 14.48 28.26
CA ALA A 231 0.96 13.04 28.51
C ALA A 231 -0.49 12.56 28.45
N GLY A 232 -1.40 13.36 29.00
CA GLY A 232 -2.83 13.02 29.02
C GLY A 232 -3.52 13.05 27.67
N GLU A 233 -2.86 13.63 26.66
CA GLU A 233 -3.43 13.66 25.32
C GLU A 233 -2.60 12.88 24.29
N LEU A 234 -1.53 12.22 24.76
CA LEU A 234 -0.65 11.46 23.86
C LEU A 234 -0.90 9.97 23.86
N ALA A 235 -1.16 9.43 22.66
CA ALA A 235 -1.29 7.99 22.48
C ALA A 235 0.08 7.33 22.39
N ALA A 236 1.01 7.98 21.69
CA ALA A 236 2.29 7.35 21.39
C ALA A 236 3.37 8.35 21.00
N VAL A 237 4.61 7.96 21.29
CA VAL A 237 5.80 8.54 20.68
C VAL A 237 6.12 7.66 19.48
N VAL A 238 6.40 8.27 18.34
CA VAL A 238 6.72 7.52 17.11
C VAL A 238 8.04 8.09 16.58
N VAL A 239 9.04 7.23 16.43
CA VAL A 239 10.36 7.66 15.90
C VAL A 239 10.98 6.60 14.99
N GLU A 240 11.90 7.04 14.13
CA GLU A 240 12.84 6.15 13.46
C GLU A 240 14.02 5.92 14.39
N PRO A 241 14.31 4.66 14.75
CA PRO A 241 15.40 4.44 15.70
C PRO A 241 16.78 4.48 15.06
N VAL A 242 17.71 5.17 15.71
CA VAL A 242 19.14 5.29 15.35
C VAL A 242 19.41 6.08 14.05
N VAL A 243 18.71 5.72 12.98
CA VAL A 243 18.88 6.39 11.68
C VAL A 243 17.56 6.99 11.21
N GLN A 244 17.58 8.29 10.92
CA GLN A 244 16.48 8.98 10.26
C GLN A 244 16.83 9.04 8.80
N GLY A 245 16.04 8.36 7.98
CA GLY A 245 16.36 8.20 6.55
C GLY A 245 16.01 9.37 5.65
N ALA A 246 14.79 9.35 5.14
CA ALA A 246 14.37 10.32 4.12
C ALA A 246 14.35 11.77 4.59
N GLY A 247 14.37 11.98 5.90
CA GLY A 247 14.41 13.31 6.50
C GLY A 247 15.80 13.93 6.62
N GLY A 248 16.83 13.19 6.24
CA GLY A 248 18.18 13.76 6.26
C GLY A 248 19.34 12.83 6.54
N MET A 249 19.12 11.52 6.50
CA MET A 249 20.18 10.53 6.72
C MET A 249 21.03 10.90 7.95
N ARG A 250 20.34 11.21 9.05
CA ARG A 250 20.99 11.60 10.29
C ARG A 250 21.06 10.39 11.21
N PHE A 251 22.16 10.27 11.95
CA PHE A 251 22.33 9.19 12.93
C PHE A 251 22.28 9.78 14.33
N HIS A 252 21.71 9.04 15.29
CA HIS A 252 21.77 9.49 16.68
C HIS A 252 22.18 8.37 17.62
N ASP A 253 22.73 8.74 18.77
CA ASP A 253 23.20 7.77 19.76
C ASP A 253 22.07 6.86 20.22
N PRO A 254 22.29 5.53 20.17
CA PRO A 254 21.24 4.57 20.59
C PRO A 254 20.72 4.77 22.03
N ARG A 255 21.52 5.39 22.89
N ARG A 255 21.52 5.40 22.88
CA ARG A 255 21.10 5.65 24.26
CA ARG A 255 21.11 5.64 24.26
C ARG A 255 19.83 6.49 24.36
C ARG A 255 19.83 6.49 24.36
N TYR A 256 19.57 7.32 23.36
CA TYR A 256 18.34 8.11 23.31
C TYR A 256 17.10 7.21 23.28
N LEU A 257 17.23 6.03 22.66
CA LEU A 257 16.14 5.08 22.58
C LEU A 257 15.86 4.46 23.95
N HIS A 258 16.93 4.26 24.72
CA HIS A 258 16.79 3.80 26.10
C HIS A 258 16.01 4.81 26.89
N ASP A 259 16.33 6.10 26.72
CA ASP A 259 15.62 7.18 27.41
C ASP A 259 14.16 7.23 26.98
N LEU A 260 13.90 7.12 25.67
CA LEU A 260 12.52 7.12 25.18
C LEU A 260 11.70 6.00 25.82
N ARG A 261 12.27 4.80 25.86
CA ARG A 261 11.59 3.66 26.48
C ARG A 261 11.20 3.93 27.93
N ASP A 262 12.14 4.49 28.69
CA ASP A 262 11.94 4.83 30.10
C ASP A 262 10.87 5.91 30.30
N ILE A 263 11.02 7.01 29.57
CA ILE A 263 10.03 8.10 29.59
C ILE A 263 8.62 7.59 29.25
N CYS A 264 8.51 6.80 28.19
CA CYS A 264 7.22 6.29 27.75
C CYS A 264 6.59 5.37 28.80
N ARG A 265 7.44 4.54 29.43
CA ARG A 265 7.00 3.65 30.51
C ARG A 265 6.45 4.44 31.70
N ARG A 266 7.20 5.44 32.14
CA ARG A 266 6.82 6.20 33.34
C ARG A 266 5.59 7.09 33.14
N TYR A 267 5.41 7.62 31.93
CA TYR A 267 4.29 8.51 31.63
C TYR A 267 3.12 7.82 30.93
N GLU A 268 3.23 6.51 30.78
CA GLU A 268 2.19 5.69 30.15
C GLU A 268 1.80 6.23 28.77
N VAL A 269 2.81 6.33 27.91
CA VAL A 269 2.61 6.66 26.51
C VAL A 269 3.24 5.49 25.76
N LEU A 270 2.57 5.02 24.70
CA LEU A 270 3.12 3.91 23.92
C LEU A 270 4.32 4.38 23.12
N LEU A 271 5.24 3.46 22.85
CA LEU A 271 6.41 3.75 22.03
C LEU A 271 6.36 2.95 20.74
N ILE A 272 6.44 3.67 19.62
CA ILE A 272 6.39 3.06 18.30
C ILE A 272 7.71 3.32 17.59
N PHE A 273 8.35 2.25 17.12
CA PHE A 273 9.54 2.39 16.27
C PHE A 273 9.17 2.08 14.83
N ASP A 274 9.48 3.04 13.97
CA ASP A 274 9.34 2.85 12.53
C ASP A 274 10.67 2.35 11.99
N GLU A 275 10.76 1.04 11.75
CA GLU A 275 11.98 0.41 11.25
C GLU A 275 11.86 0.03 9.77
N ILE A 276 10.99 0.76 9.05
CA ILE A 276 10.79 0.49 7.62
C ILE A 276 12.09 0.62 6.83
N ALA A 277 12.94 1.59 7.19
CA ALA A 277 14.23 1.78 6.52
C ALA A 277 15.37 1.08 7.23
N THR A 278 15.29 0.99 8.56
CA THR A 278 16.41 0.49 9.38
C THR A 278 16.45 -1.04 9.53
N GLY A 279 15.37 -1.71 9.19
CA GLY A 279 15.23 -3.15 9.50
C GLY A 279 16.16 -4.08 8.73
N PHE A 280 16.22 -5.32 9.20
CA PHE A 280 16.88 -6.40 8.47
C PHE A 280 18.37 -6.14 8.22
N GLY A 281 19.05 -5.67 9.26
CA GLY A 281 20.50 -5.62 9.28
C GLY A 281 21.17 -4.35 8.79
N ARG A 282 20.37 -3.41 8.24
CA ARG A 282 20.92 -2.27 7.51
C ARG A 282 21.87 -1.37 8.33
N THR A 283 21.57 -1.18 9.62
CA THR A 283 22.40 -0.35 10.49
C THR A 283 23.47 -1.12 11.27
N GLY A 284 23.61 -2.40 10.99
CA GLY A 284 24.66 -3.21 11.65
C GLY A 284 24.16 -4.11 12.74
N ALA A 285 22.91 -3.92 13.12
CA ALA A 285 22.19 -4.83 14.00
C ALA A 285 20.97 -5.30 13.21
N LEU A 286 20.34 -6.38 13.65
CA LEU A 286 19.23 -6.95 12.89
C LEU A 286 18.10 -5.93 12.78
N PHE A 287 17.78 -5.30 13.91
CA PHE A 287 16.91 -4.14 13.94
C PHE A 287 17.62 -3.05 14.72
N ALA A 288 17.40 -1.81 14.33
CA ALA A 288 18.13 -0.69 14.91
C ALA A 288 17.88 -0.58 16.41
N ALA A 289 16.67 -0.94 16.84
CA ALA A 289 16.34 -0.99 18.26
C ALA A 289 17.31 -1.85 19.05
N ASP A 290 17.87 -2.87 18.40
CA ASP A 290 18.82 -3.79 19.05
C ASP A 290 20.10 -3.11 19.52
N HIS A 291 20.46 -1.97 18.90
CA HIS A 291 21.61 -1.19 19.33
C HIS A 291 21.44 -0.69 20.75
N ALA A 292 20.20 -0.60 21.21
CA ALA A 292 19.91 -0.10 22.56
C ALA A 292 19.29 -1.17 23.45
N GLY A 293 19.03 -2.35 22.88
CA GLY A 293 18.36 -3.43 23.60
C GLY A 293 16.92 -3.10 23.97
N VAL A 294 16.33 -2.17 23.23
CA VAL A 294 15.00 -1.63 23.54
C VAL A 294 13.91 -2.35 22.75
N SER A 295 12.79 -2.62 23.42
CA SER A 295 11.57 -3.09 22.74
C SER A 295 10.52 -1.99 22.72
N PRO A 296 10.03 -1.63 21.51
CA PRO A 296 8.88 -0.73 21.45
C PRO A 296 7.59 -1.51 21.73
N ASP A 297 6.48 -0.78 21.94
CA ASP A 297 5.17 -1.42 22.05
C ASP A 297 4.62 -1.82 20.68
N ILE A 298 4.99 -1.05 19.66
CA ILE A 298 4.52 -1.25 18.28
C ILE A 298 5.72 -0.99 17.37
N MET A 299 5.83 -1.77 16.29
CA MET A 299 6.95 -1.65 15.35
C MET A 299 6.49 -1.82 13.90
N CYS A 300 7.01 -0.97 13.01
CA CYS A 300 6.73 -1.08 11.58
C CYS A 300 7.96 -1.58 10.82
N VAL A 301 7.74 -2.50 9.88
CA VAL A 301 8.79 -2.96 8.97
C VAL A 301 8.25 -2.95 7.54
N GLY A 302 9.15 -2.84 6.57
CA GLY A 302 8.76 -2.84 5.16
C GLY A 302 10.03 -2.90 4.34
N LYS A 303 10.01 -2.25 3.20
CA LYS A 303 11.18 -2.15 2.28
C LYS A 303 11.95 -3.46 2.08
N ALA A 304 13.00 -3.67 2.87
CA ALA A 304 13.87 -4.84 2.71
C ALA A 304 13.19 -6.13 3.11
N LEU A 305 12.02 -6.02 3.73
CA LEU A 305 11.22 -7.19 4.13
C LEU A 305 11.09 -8.23 3.02
N THR A 306 10.77 -7.77 1.81
CA THR A 306 10.58 -8.67 0.68
C THR A 306 11.84 -8.86 -0.16
N GLY A 307 12.98 -8.40 0.33
CA GLY A 307 14.19 -8.37 -0.50
C GLY A 307 14.02 -7.45 -1.71
N GLY A 308 13.01 -6.59 -1.66
CA GLY A 308 12.74 -5.62 -2.73
C GLY A 308 12.09 -6.18 -3.98
N TYR A 309 11.42 -7.32 -3.85
CA TYR A 309 10.71 -7.90 -4.99
C TYR A 309 9.33 -7.31 -5.17
N LEU A 310 8.63 -7.14 -4.06
CA LEU A 310 7.22 -6.80 -4.06
C LEU A 310 6.93 -5.91 -2.86
N SER A 311 5.87 -5.12 -2.96
CA SER A 311 5.45 -4.28 -1.84
CA SER A 311 5.46 -4.28 -1.85
C SER A 311 4.80 -5.13 -0.76
N LEU A 312 5.29 -4.98 0.47
CA LEU A 312 4.71 -5.63 1.65
C LEU A 312 5.25 -4.88 2.85
N ALA A 313 4.43 -4.77 3.89
CA ALA A 313 4.84 -4.18 5.14
C ALA A 313 4.17 -4.92 6.27
N ALA A 314 4.64 -4.67 7.49
CA ALA A 314 4.03 -5.28 8.67
C ALA A 314 4.07 -4.33 9.84
N THR A 315 3.04 -4.43 10.68
CA THR A 315 3.02 -3.72 11.94
C THR A 315 2.87 -4.76 13.03
N LEU A 316 3.83 -4.78 13.94
CA LEU A 316 3.83 -5.71 15.07
C LEU A 316 3.47 -4.97 16.34
N CYS A 317 2.77 -5.66 17.25
CA CYS A 317 2.51 -5.08 18.56
C CYS A 317 2.51 -6.15 19.64
N THR A 318 2.62 -5.70 20.87
CA THR A 318 2.70 -6.62 22.02
C THR A 318 1.38 -7.34 22.25
N ALA A 319 1.43 -8.45 22.98
CA ALA A 319 0.22 -9.14 23.42
C ALA A 319 -0.71 -8.20 24.19
N ASP A 320 -0.15 -7.40 25.08
CA ASP A 320 -0.94 -6.47 25.88
C ASP A 320 -1.71 -5.49 25.00
N VAL A 321 -1.04 -4.90 24.01
CA VAL A 321 -1.71 -4.00 23.07
C VAL A 321 -2.81 -4.74 22.30
N ALA A 322 -2.50 -5.94 21.82
CA ALA A 322 -3.43 -6.74 21.05
C ALA A 322 -4.67 -7.11 21.86
N HIS A 323 -4.46 -7.53 23.10
CA HIS A 323 -5.57 -7.94 23.98
C HIS A 323 -6.45 -6.79 24.38
N THR A 324 -5.84 -5.63 24.63
CA THR A 324 -6.59 -4.44 25.04
C THR A 324 -7.50 -3.95 23.90
N ILE A 325 -6.96 -3.92 22.68
CA ILE A 325 -7.74 -3.61 21.50
C ILE A 325 -8.89 -4.61 21.36
N SER A 326 -8.57 -5.90 21.49
CA SER A 326 -9.55 -6.97 21.28
C SER A 326 -10.65 -7.01 22.35
N ALA A 327 -10.37 -6.46 23.54
CA ALA A 327 -11.34 -6.41 24.63
C ALA A 327 -12.15 -5.11 24.62
N GLY A 328 -11.74 -4.17 23.77
CA GLY A 328 -12.39 -2.86 23.69
C GLY A 328 -13.78 -2.92 23.08
N ALA A 329 -14.46 -1.78 23.05
CA ALA A 329 -15.83 -1.69 22.53
C ALA A 329 -15.91 -2.11 21.07
N ALA A 330 -14.81 -1.89 20.35
CA ALA A 330 -14.68 -2.31 18.97
C ALA A 330 -14.55 -3.83 18.86
N GLY A 331 -13.85 -4.43 19.83
CA GLY A 331 -13.59 -5.88 19.84
C GLY A 331 -12.71 -6.37 18.69
N ALA A 332 -12.09 -5.44 17.99
CA ALA A 332 -11.27 -5.74 16.81
C ALA A 332 -10.47 -4.52 16.40
N LEU A 333 -9.36 -4.75 15.71
CA LEU A 333 -8.60 -3.67 15.12
C LEU A 333 -9.25 -3.37 13.79
N MET A 334 -9.71 -2.14 13.64
CA MET A 334 -10.58 -1.79 12.52
C MET A 334 -9.79 -1.43 11.26
N HIS A 335 -9.10 -2.44 10.71
CA HIS A 335 -8.27 -2.29 9.52
C HIS A 335 -8.19 -3.61 8.83
N GLY A 336 -8.11 -3.59 7.50
CA GLY A 336 -8.11 -4.83 6.71
C GLY A 336 -8.03 -4.61 5.22
N PRO A 337 -6.81 -4.43 4.69
CA PRO A 337 -6.58 -4.18 3.26
C PRO A 337 -6.97 -5.37 2.39
N THR A 338 -7.46 -5.11 1.18
CA THR A 338 -7.86 -6.16 0.24
C THR A 338 -6.82 -7.28 0.11
N PHE A 339 -5.56 -6.90 -0.11
CA PHE A 339 -4.50 -7.86 -0.40
C PHE A 339 -3.70 -8.22 0.84
N MET A 340 -4.30 -8.02 2.02
CA MET A 340 -3.64 -8.34 3.28
C MET A 340 -3.02 -9.73 3.26
N ALA A 341 -1.74 -9.79 3.61
CA ALA A 341 -0.98 -11.03 3.74
C ALA A 341 -0.86 -11.81 2.44
N ASN A 342 -0.80 -11.10 1.32
CA ASN A 342 -0.61 -11.70 0.00
C ASN A 342 0.42 -12.85 0.01
N PRO A 343 -0.01 -14.07 -0.35
CA PRO A 343 0.86 -15.23 -0.36
C PRO A 343 2.16 -15.04 -1.14
N LEU A 344 2.09 -14.41 -2.31
CA LEU A 344 3.30 -14.22 -3.12
C LEU A 344 4.31 -13.35 -2.38
N ALA A 345 3.87 -12.19 -1.92
CA ALA A 345 4.76 -11.27 -1.18
C ALA A 345 5.28 -11.91 0.10
N CYS A 346 4.42 -12.63 0.82
CA CYS A 346 4.85 -13.31 2.03
C CYS A 346 5.89 -14.39 1.74
N ALA A 347 5.68 -15.16 0.68
CA ALA A 347 6.59 -16.25 0.34
C ALA A 347 7.99 -15.74 0.00
N VAL A 348 8.08 -14.67 -0.79
CA VAL A 348 9.40 -14.12 -1.12
C VAL A 348 10.05 -13.50 0.12
N SER A 349 9.24 -12.91 1.00
CA SER A 349 9.74 -12.34 2.25
CA SER A 349 9.75 -12.34 2.24
C SER A 349 10.32 -13.43 3.17
N VAL A 350 9.61 -14.55 3.31
CA VAL A 350 10.11 -15.70 4.07
C VAL A 350 11.52 -16.08 3.56
N ALA A 351 11.65 -16.22 2.25
CA ALA A 351 12.94 -16.57 1.62
C ALA A 351 14.01 -15.51 1.89
N SER A 352 13.64 -14.23 1.79
CA SER A 352 14.59 -13.14 2.04
C SER A 352 15.09 -13.11 3.47
N VAL A 353 14.18 -13.25 4.43
CA VAL A 353 14.54 -13.29 5.84
C VAL A 353 15.40 -14.51 6.17
N GLU A 354 14.98 -15.68 5.70
CA GLU A 354 15.76 -16.90 5.90
C GLU A 354 17.15 -16.81 5.27
N LEU A 355 17.23 -16.18 4.10
CA LEU A 355 18.52 -16.00 3.45
C LEU A 355 19.43 -15.12 4.28
N LEU A 356 18.87 -14.07 4.88
CA LEU A 356 19.64 -13.18 5.74
C LEU A 356 20.11 -13.88 7.02
N LEU A 357 19.20 -14.62 7.65
CA LEU A 357 19.49 -15.29 8.92
C LEU A 357 20.46 -16.46 8.75
N GLY A 358 20.46 -17.06 7.57
CA GLY A 358 21.25 -18.26 7.30
C GLY A 358 22.71 -17.99 6.97
N GLN A 359 23.08 -16.72 6.88
CA GLN A 359 24.47 -16.34 6.68
C GLN A 359 24.96 -15.51 7.87
N ASP A 360 26.27 -15.27 7.93
CA ASP A 360 26.85 -14.40 8.96
C ASP A 360 26.67 -12.94 8.55
N TRP A 361 25.44 -12.45 8.68
CA TRP A 361 25.10 -11.10 8.20
C TRP A 361 25.81 -10.01 8.98
N ARG A 362 26.10 -10.24 10.25
N ARG A 362 26.10 -10.25 10.25
CA ARG A 362 26.73 -9.22 11.09
CA ARG A 362 26.74 -9.24 11.10
C ARG A 362 28.13 -8.90 10.61
C ARG A 362 28.13 -8.90 10.59
N THR A 363 28.90 -9.95 10.29
CA THR A 363 30.22 -9.79 9.69
C THR A 363 30.15 -9.13 8.33
N ARG A 364 29.16 -9.51 7.52
CA ARG A 364 28.95 -8.94 6.19
C ARG A 364 28.74 -7.43 6.25
N ILE A 365 27.87 -6.99 7.16
CA ILE A 365 27.56 -5.57 7.33
C ILE A 365 28.75 -4.82 7.91
N THR A 366 29.49 -5.46 8.82
CA THR A 366 30.70 -4.86 9.37
C THR A 366 31.72 -4.60 8.27
N GLU A 367 31.89 -5.59 7.38
CA GLU A 367 32.80 -5.45 6.24
C GLU A 367 32.33 -4.35 5.29
N LEU A 368 31.03 -4.31 5.03
CA LEU A 368 30.45 -3.24 4.21
C LEU A 368 30.70 -1.87 4.81
N ALA A 369 30.44 -1.72 6.10
CA ALA A 369 30.65 -0.46 6.81
C ALA A 369 32.11 -0.01 6.72
N ALA A 370 33.03 -0.95 6.95
CA ALA A 370 34.46 -0.67 6.85
C ALA A 370 34.83 -0.20 5.45
N GLY A 371 34.24 -0.85 4.45
CA GLY A 371 34.43 -0.49 3.04
C GLY A 371 33.97 0.92 2.74
N LEU A 372 32.78 1.27 3.21
CA LEU A 372 32.23 2.62 3.04
C LEU A 372 33.09 3.66 3.74
N THR A 373 33.48 3.37 4.98
CA THR A 373 34.33 4.28 5.77
C THR A 373 35.65 4.55 5.05
N ALA A 374 36.33 3.49 4.64
CA ALA A 374 37.62 3.63 3.96
C ALA A 374 37.51 4.40 2.66
N GLY A 375 36.46 4.10 1.89
CA GLY A 375 36.27 4.68 0.56
C GLY A 375 35.79 6.11 0.56
N LEU A 376 35.09 6.53 1.61
CA LEU A 376 34.55 7.88 1.68
C LEU A 376 35.48 8.85 2.43
N ASP A 377 36.53 8.32 3.06
CA ASP A 377 37.43 9.14 3.88
C ASP A 377 37.98 10.37 3.14
N THR A 378 38.39 10.18 1.89
N THR A 378 38.37 10.19 1.88
CA THR A 378 38.95 11.26 1.07
CA THR A 378 38.96 11.28 1.09
C THR A 378 37.97 12.43 0.86
C THR A 378 37.97 12.41 0.78
N ALA A 379 36.68 12.15 0.98
CA ALA A 379 35.65 13.18 0.75
C ALA A 379 35.66 14.27 1.83
N ARG A 380 36.15 13.93 3.02
CA ARG A 380 36.20 14.87 4.15
C ARG A 380 36.98 16.14 3.80
N ALA A 381 38.01 15.99 2.96
CA ALA A 381 38.90 17.09 2.60
C ALA A 381 38.38 17.98 1.46
N LEU A 382 37.32 17.53 0.79
CA LEU A 382 36.74 18.27 -0.34
C LEU A 382 36.07 19.57 0.11
N PRO A 383 36.20 20.64 -0.69
CA PRO A 383 35.71 21.98 -0.30
C PRO A 383 34.21 22.08 -0.02
N ALA A 384 33.39 21.28 -0.70
CA ALA A 384 31.94 21.38 -0.55
C ALA A 384 31.36 20.38 0.44
N VAL A 385 32.23 19.60 1.08
CA VAL A 385 31.78 18.55 2.00
C VAL A 385 31.80 19.05 3.45
N THR A 386 30.67 18.90 4.13
CA THR A 386 30.55 19.33 5.52
C THR A 386 30.63 18.18 6.53
N ASP A 387 30.27 16.97 6.10
CA ASP A 387 30.37 15.79 6.95
C ASP A 387 30.43 14.52 6.11
N VAL A 388 31.14 13.52 6.65
CA VAL A 388 31.11 12.17 6.10
C VAL A 388 30.74 11.24 7.24
N ARG A 389 29.70 10.42 7.05
CA ARG A 389 29.27 9.53 8.12
C ARG A 389 28.81 8.17 7.60
N VAL A 390 29.09 7.13 8.40
CA VAL A 390 28.76 5.76 8.07
C VAL A 390 28.09 5.08 9.26
N CYS A 391 27.00 4.37 9.02
CA CYS A 391 26.37 3.53 10.04
C CYS A 391 25.91 2.23 9.40
N GLY A 392 26.60 1.13 9.75
CA GLY A 392 26.37 -0.15 9.06
C GLY A 392 26.53 0.01 7.55
N ALA A 393 25.59 -0.53 6.78
CA ALA A 393 25.66 -0.43 5.33
C ALA A 393 24.97 0.83 4.81
N ILE A 394 25.31 1.96 5.43
CA ILE A 394 24.82 3.28 5.05
C ILE A 394 26.02 4.23 4.99
N GLY A 395 26.22 4.86 3.84
CA GLY A 395 27.32 5.83 3.68
C GLY A 395 26.79 7.17 3.20
N VAL A 396 27.21 8.25 3.87
CA VAL A 396 26.68 9.59 3.58
C VAL A 396 27.79 10.63 3.46
N ILE A 397 27.76 11.37 2.35
CA ILE A 397 28.52 12.60 2.23
C ILE A 397 27.53 13.76 2.31
N GLU A 398 27.65 14.58 3.35
CA GLU A 398 26.82 15.76 3.48
C GLU A 398 27.54 16.96 2.88
N CYS A 399 26.92 17.58 1.89
CA CYS A 399 27.50 18.73 1.19
C CYS A 399 26.97 20.06 1.70
N ASP A 400 27.62 21.15 1.28
CA ASP A 400 27.31 22.49 1.77
C ASP A 400 26.26 23.21 0.90
N ARG A 401 25.70 22.49 -0.06
CA ARG A 401 24.67 23.03 -0.94
C ARG A 401 23.80 21.89 -1.46
N PRO A 402 22.56 22.19 -1.92
CA PRO A 402 21.77 21.17 -2.59
C PRO A 402 22.53 20.57 -3.77
N VAL A 403 22.44 19.25 -3.93
CA VAL A 403 23.14 18.57 -5.01
C VAL A 403 22.31 18.66 -6.29
N ASP A 404 22.90 19.18 -7.36
CA ASP A 404 22.22 19.27 -8.64
C ASP A 404 22.23 17.91 -9.33
N LEU A 405 21.04 17.31 -9.47
CA LEU A 405 20.90 15.99 -10.12
C LEU A 405 21.35 15.99 -11.59
N ALA A 406 21.21 17.12 -12.28
CA ALA A 406 21.61 17.23 -13.67
C ALA A 406 23.13 17.05 -13.82
N VAL A 407 23.88 17.34 -12.76
CA VAL A 407 25.32 17.14 -12.72
C VAL A 407 25.65 15.77 -12.11
N ALA A 408 25.06 15.47 -10.96
CA ALA A 408 25.35 14.27 -10.18
C ALA A 408 25.04 12.96 -10.92
N THR A 409 23.88 12.88 -11.57
CA THR A 409 23.42 11.63 -12.20
C THR A 409 24.37 11.15 -13.32
N PRO A 410 24.65 12.01 -14.32
CA PRO A 410 25.58 11.57 -15.36
C PRO A 410 26.99 11.31 -14.83
N ALA A 411 27.44 12.11 -13.87
CA ALA A 411 28.76 11.92 -13.26
C ALA A 411 28.88 10.53 -12.64
N ALA A 412 27.83 10.08 -11.95
CA ALA A 412 27.84 8.76 -11.33
C ALA A 412 27.73 7.66 -12.38
N LEU A 413 26.85 7.86 -13.37
CA LEU A 413 26.69 6.91 -14.47
C LEU A 413 27.97 6.75 -15.28
N ASP A 414 28.70 7.86 -15.46
CA ASP A 414 30.04 7.85 -16.09
C ASP A 414 31.01 6.94 -15.34
N ARG A 415 30.75 6.71 -14.05
N ARG A 415 30.75 6.73 -14.05
CA ARG A 415 31.63 5.87 -13.24
CA ARG A 415 31.61 5.93 -13.17
C ARG A 415 31.00 4.54 -12.85
C ARG A 415 31.04 4.54 -12.88
N GLY A 416 29.98 4.16 -13.61
CA GLY A 416 29.36 2.83 -13.50
C GLY A 416 28.50 2.59 -12.27
N VAL A 417 27.90 3.64 -11.74
CA VAL A 417 27.13 3.58 -10.50
C VAL A 417 25.83 4.38 -10.63
N TRP A 418 24.73 3.80 -10.18
CA TRP A 418 23.48 4.53 -10.05
C TRP A 418 23.40 5.15 -8.67
N LEU A 419 23.51 6.48 -8.60
CA LEU A 419 23.32 7.21 -7.35
C LEU A 419 22.15 8.17 -7.50
N ARG A 420 21.39 8.34 -6.44
CA ARG A 420 20.27 9.28 -6.42
C ARG A 420 20.41 10.18 -5.20
N PRO A 421 21.15 11.29 -5.35
CA PRO A 421 21.22 12.24 -4.24
C PRO A 421 19.85 12.83 -3.92
N PHE A 422 19.70 13.35 -2.71
CA PHE A 422 18.56 14.21 -2.40
C PHE A 422 19.00 15.32 -1.47
N ARG A 423 18.37 16.48 -1.61
CA ARG A 423 18.77 17.67 -0.88
C ARG A 423 20.28 17.85 -1.02
N ASN A 424 21.00 18.00 0.09
CA ASN A 424 22.45 18.21 0.07
C ASN A 424 23.25 16.93 0.34
N LEU A 425 22.64 15.77 0.06
CA LEU A 425 23.22 14.50 0.48
C LEU A 425 23.58 13.59 -0.70
N VAL A 426 24.82 13.12 -0.71
CA VAL A 426 25.27 12.08 -1.64
C VAL A 426 25.46 10.83 -0.79
N TYR A 427 24.61 9.83 -1.01
CA TYR A 427 24.56 8.73 -0.07
C TYR A 427 24.32 7.39 -0.77
N ALA A 428 24.63 6.31 -0.05
CA ALA A 428 24.43 4.97 -0.59
C ALA A 428 23.95 4.03 0.50
N MET A 429 23.12 3.07 0.11
N MET A 429 23.09 3.09 0.11
CA MET A 429 22.74 1.97 0.97
CA MET A 429 22.70 1.95 0.93
C MET A 429 22.81 0.71 0.11
C MET A 429 22.81 0.73 0.03
N PRO A 430 24.04 0.20 -0.13
CA PRO A 430 24.28 -0.83 -1.14
C PRO A 430 23.75 -2.21 -0.76
N PRO A 431 23.48 -3.05 -1.77
CA PRO A 431 23.14 -4.45 -1.53
C PRO A 431 24.21 -5.14 -0.69
N TYR A 432 23.78 -6.04 0.20
CA TYR A 432 24.69 -6.73 1.11
C TYR A 432 25.66 -7.65 0.36
N ILE A 433 25.29 -7.98 -0.87
CA ILE A 433 26.07 -8.88 -1.73
C ILE A 433 27.19 -8.19 -2.50
N CYS A 434 27.30 -6.87 -2.35
CA CYS A 434 28.38 -6.12 -3.01
C CYS A 434 29.75 -6.58 -2.51
N THR A 435 30.64 -6.86 -3.45
CA THR A 435 32.01 -7.24 -3.12
C THR A 435 32.79 -6.01 -2.65
N PRO A 436 33.91 -6.20 -1.94
CA PRO A 436 34.78 -5.08 -1.60
C PRO A 436 35.10 -4.17 -2.79
N ALA A 437 35.41 -4.75 -3.95
CA ALA A 437 35.71 -3.97 -5.15
C ALA A 437 34.52 -3.12 -5.59
N GLU A 438 33.31 -3.69 -5.47
CA GLU A 438 32.10 -2.99 -5.84
C GLU A 438 31.80 -1.84 -4.89
N ILE A 439 32.03 -2.05 -3.60
CA ILE A 439 31.88 -0.99 -2.60
C ILE A 439 32.82 0.19 -2.89
N THR A 440 34.08 -0.13 -3.20
CA THR A 440 35.05 0.90 -3.54
C THR A 440 34.66 1.65 -4.82
N GLN A 441 34.10 0.95 -5.81
CA GLN A 441 33.58 1.60 -7.01
C GLN A 441 32.47 2.58 -6.66
N ILE A 442 31.57 2.15 -5.76
CA ILE A 442 30.47 3.00 -5.30
C ILE A 442 30.99 4.24 -4.58
N THR A 443 31.89 4.05 -3.62
CA THR A 443 32.42 5.18 -2.86
C THR A 443 33.24 6.13 -3.74
N SER A 444 33.96 5.58 -4.70
CA SER A 444 34.72 6.41 -5.65
CA SER A 444 34.71 6.40 -5.66
C SER A 444 33.79 7.32 -6.45
N ALA A 445 32.67 6.77 -6.90
CA ALA A 445 31.69 7.55 -7.65
C ALA A 445 31.08 8.64 -6.76
N MET A 446 30.81 8.31 -5.50
CA MET A 446 30.29 9.27 -4.52
C MET A 446 31.25 10.43 -4.32
N VAL A 447 32.54 10.12 -4.15
CA VAL A 447 33.58 11.14 -3.95
C VAL A 447 33.65 12.06 -5.17
N GLU A 448 33.56 11.48 -6.36
CA GLU A 448 33.63 12.28 -7.60
C GLU A 448 32.40 13.16 -7.81
N VAL A 449 31.23 12.68 -7.39
CA VAL A 449 30.04 13.51 -7.40
C VAL A 449 30.23 14.70 -6.45
N ALA A 450 30.75 14.42 -5.25
CA ALA A 450 31.01 15.46 -4.24
C ALA A 450 32.06 16.47 -4.73
N ARG A 451 33.05 15.99 -5.48
CA ARG A 451 34.05 16.88 -6.07
C ARG A 451 33.41 17.85 -7.07
N LEU A 452 32.48 17.34 -7.87
CA LEU A 452 31.79 18.16 -8.86
C LEU A 452 30.87 19.19 -8.22
N VAL A 453 30.28 18.84 -7.07
CA VAL A 453 29.44 19.75 -6.29
C VAL A 453 30.20 21.04 -5.93
N GLY A 454 31.46 20.88 -5.51
CA GLY A 454 32.30 22.01 -5.11
C GLY A 454 33.15 22.63 -6.20
N SER A 455 32.93 22.20 -7.44
CA SER A 455 33.68 22.74 -8.59
C SER A 455 32.78 22.95 -9.81
N GLY B 27 8.59 -25.06 6.71
CA GLY B 27 7.34 -25.80 6.36
C GLY B 27 6.44 -26.03 7.57
N LEU B 28 5.13 -25.92 7.34
CA LEU B 28 4.14 -26.11 8.41
C LEU B 28 2.94 -26.92 7.94
N THR B 29 2.46 -27.82 8.80
CA THR B 29 1.23 -28.57 8.56
C THR B 29 0.04 -27.64 8.82
N PRO B 30 -1.16 -27.98 8.30
CA PRO B 30 -2.34 -27.17 8.60
C PRO B 30 -2.57 -26.92 10.09
N GLU B 31 -2.37 -27.94 10.94
CA GLU B 31 -2.51 -27.76 12.39
C GLU B 31 -1.49 -26.76 12.95
N GLN B 32 -0.24 -26.86 12.50
CA GLN B 32 0.81 -25.92 12.86
C GLN B 32 0.49 -24.49 12.40
N ILE B 33 -0.07 -24.37 11.19
CA ILE B 33 -0.52 -23.08 10.65
C ILE B 33 -1.56 -22.43 11.56
N ILE B 34 -2.57 -23.20 11.95
CA ILE B 34 -3.61 -22.73 12.86
C ILE B 34 -3.03 -22.25 14.19
N ALA B 35 -2.06 -22.99 14.72
CA ALA B 35 -1.42 -22.65 16.00
C ALA B 35 -0.67 -21.31 15.93
N VAL B 36 0.17 -21.17 14.90
CA VAL B 36 0.88 -19.92 14.63
C VAL B 36 -0.11 -18.77 14.43
N ASP B 37 -1.10 -19.01 13.57
CA ASP B 37 -2.10 -18.00 13.23
C ASP B 37 -2.86 -17.49 14.45
N GLY B 38 -3.36 -18.42 15.28
CA GLY B 38 -4.07 -18.04 16.50
C GLY B 38 -3.28 -17.16 17.44
N ALA B 39 -1.97 -17.44 17.56
CA ALA B 39 -1.11 -16.71 18.49
C ALA B 39 -0.60 -15.40 17.91
N HIS B 40 -0.31 -15.37 16.62
CA HIS B 40 0.50 -14.29 16.03
C HIS B 40 -0.10 -13.48 14.92
N LEU B 41 -1.20 -13.94 14.31
CA LEU B 41 -1.70 -13.27 13.10
C LEU B 41 -3.00 -12.46 13.28
N TRP B 42 -2.93 -11.16 13.01
CA TRP B 42 -4.12 -10.35 12.85
C TRP B 42 -4.76 -10.64 11.52
N HIS B 43 -6.09 -10.63 11.49
CA HIS B 43 -6.84 -10.71 10.25
C HIS B 43 -7.63 -9.46 10.04
N PRO B 44 -8.25 -9.29 8.86
CA PRO B 44 -8.99 -8.04 8.63
C PRO B 44 -10.11 -7.83 9.66
N TYR B 45 -10.14 -6.66 10.30
CA TYR B 45 -11.21 -6.31 11.24
C TYR B 45 -11.47 -7.42 12.26
N SER B 46 -10.38 -7.94 12.81
CA SER B 46 -10.44 -9.10 13.69
C SER B 46 -9.81 -8.81 15.04
N SER B 47 -9.91 -9.79 15.93
CA SER B 47 -9.27 -9.73 17.23
CA SER B 47 -9.27 -9.74 17.24
C SER B 47 -8.06 -10.67 17.25
N ILE B 48 -7.31 -10.63 18.34
CA ILE B 48 -6.31 -11.64 18.65
C ILE B 48 -6.83 -12.31 19.90
N GLY B 49 -7.04 -13.63 19.85
CA GLY B 49 -7.44 -14.40 21.02
C GLY B 49 -8.92 -14.36 21.39
N ARG B 50 -9.75 -13.74 20.54
CA ARG B 50 -11.19 -13.65 20.78
C ARG B 50 -12.03 -13.96 19.54
N GLU B 51 -11.46 -14.73 18.62
CA GLU B 51 -12.13 -15.05 17.37
C GLU B 51 -13.18 -16.12 17.57
N ALA B 52 -14.39 -15.87 17.07
CA ALA B 52 -15.52 -16.81 17.19
C ALA B 52 -15.24 -18.11 16.44
N VAL B 53 -14.69 -17.98 15.24
CA VAL B 53 -14.32 -19.13 14.43
C VAL B 53 -12.85 -18.99 14.01
N SER B 54 -12.09 -20.09 14.08
CA SER B 54 -10.74 -20.13 13.53
C SER B 54 -10.82 -19.89 12.02
N PRO B 55 -9.81 -19.19 11.45
CA PRO B 55 -9.78 -19.15 10.00
C PRO B 55 -9.52 -20.54 9.43
N VAL B 56 -9.97 -20.76 8.21
CA VAL B 56 -9.77 -22.01 7.49
C VAL B 56 -8.46 -21.92 6.72
N VAL B 57 -7.65 -22.98 6.79
CA VAL B 57 -6.38 -23.02 6.07
C VAL B 57 -6.62 -23.18 4.57
N ALA B 58 -6.08 -22.26 3.78
CA ALA B 58 -6.08 -22.38 2.32
C ALA B 58 -4.72 -22.90 1.88
N VAL B 59 -4.72 -23.97 1.08
CA VAL B 59 -3.46 -24.62 0.69
C VAL B 59 -3.14 -24.51 -0.80
N ALA B 60 -4.13 -24.14 -1.61
CA ALA B 60 -3.94 -23.95 -3.03
C ALA B 60 -5.07 -23.11 -3.63
N ALA B 61 -4.82 -22.52 -4.80
CA ALA B 61 -5.86 -21.90 -5.60
C ALA B 61 -5.54 -22.04 -7.08
N HIS B 62 -6.51 -22.53 -7.85
CA HIS B 62 -6.35 -22.72 -9.28
CA HIS B 62 -6.36 -22.76 -9.28
C HIS B 62 -7.66 -22.45 -9.99
N GLY B 63 -7.61 -21.58 -10.99
CA GLY B 63 -8.83 -21.17 -11.70
C GLY B 63 -9.83 -20.54 -10.75
N ALA B 64 -11.08 -20.99 -10.80
CA ALA B 64 -12.12 -20.45 -9.91
C ALA B 64 -12.21 -21.15 -8.56
N TRP B 65 -11.24 -22.02 -8.28
CA TRP B 65 -11.30 -22.93 -7.13
C TRP B 65 -10.22 -22.73 -6.10
N LEU B 66 -10.60 -22.80 -4.83
CA LEU B 66 -9.67 -22.81 -3.72
C LEU B 66 -9.61 -24.19 -3.11
N THR B 67 -8.43 -24.61 -2.68
CA THR B 67 -8.33 -25.83 -1.90
C THR B 67 -8.20 -25.45 -0.44
N LEU B 68 -9.20 -25.84 0.35
CA LEU B 68 -9.27 -25.50 1.77
C LEU B 68 -9.22 -26.76 2.62
N ILE B 69 -8.77 -26.62 3.87
CA ILE B 69 -8.72 -27.74 4.80
C ILE B 69 -9.96 -27.71 5.68
N ARG B 70 -10.76 -28.77 5.55
CA ARG B 70 -11.97 -28.92 6.36
C ARG B 70 -11.84 -30.23 7.09
N ASP B 71 -11.77 -30.15 8.42
CA ASP B 71 -11.54 -31.31 9.28
C ASP B 71 -10.35 -32.18 8.80
N GLY B 72 -9.23 -31.52 8.55
CA GLY B 72 -8.01 -32.20 8.15
C GLY B 72 -7.91 -32.61 6.69
N GLN B 73 -9.02 -32.52 5.97
CA GLN B 73 -9.12 -32.96 4.57
C GLN B 73 -9.09 -31.78 3.60
N PRO B 74 -8.28 -31.88 2.53
CA PRO B 74 -8.28 -30.84 1.50
C PRO B 74 -9.47 -30.99 0.56
N ILE B 75 -10.26 -29.92 0.45
CA ILE B 75 -11.44 -29.92 -0.41
C ILE B 75 -11.40 -28.72 -1.35
N GLU B 76 -11.92 -28.91 -2.56
CA GLU B 76 -11.95 -27.84 -3.56
C GLU B 76 -13.31 -27.14 -3.54
N VAL B 77 -13.28 -25.82 -3.39
CA VAL B 77 -14.49 -25.01 -3.31
C VAL B 77 -14.40 -23.79 -4.23
N LEU B 78 -15.54 -23.34 -4.74
CA LEU B 78 -15.56 -22.20 -5.65
C LEU B 78 -15.28 -20.88 -4.93
N ASP B 79 -14.40 -20.07 -5.51
CA ASP B 79 -14.10 -18.73 -4.99
C ASP B 79 -15.18 -17.75 -5.46
N ALA B 80 -16.33 -17.81 -4.79
CA ALA B 80 -17.51 -17.04 -5.20
C ALA B 80 -17.33 -15.53 -5.12
N MET B 81 -16.43 -15.08 -4.23
N MET B 81 -16.44 -15.07 -4.24
CA MET B 81 -16.17 -13.66 -4.02
CA MET B 81 -16.22 -13.64 -4.10
C MET B 81 -15.05 -13.13 -4.92
C MET B 81 -14.96 -13.18 -4.80
N SER B 82 -14.42 -14.03 -5.68
CA SER B 82 -13.18 -13.71 -6.45
C SER B 82 -12.09 -13.15 -5.52
N SER B 83 -12.02 -13.68 -4.31
CA SER B 83 -11.03 -13.20 -3.33
C SER B 83 -11.15 -11.68 -3.20
N TRP B 84 -12.36 -11.23 -2.89
CA TRP B 84 -12.76 -9.81 -2.85
C TRP B 84 -12.52 -9.04 -4.12
N TRP B 85 -13.21 -9.44 -5.18
CA TRP B 85 -13.23 -8.74 -6.48
C TRP B 85 -12.01 -8.91 -7.34
N THR B 86 -10.97 -9.57 -6.82
CA THR B 86 -9.66 -9.47 -7.45
C THR B 86 -9.41 -10.51 -8.55
N ALA B 87 -9.89 -11.73 -8.35
CA ALA B 87 -9.49 -12.87 -9.18
C ALA B 87 -10.35 -13.02 -10.44
N ILE B 88 -10.37 -11.97 -11.26
CA ILE B 88 -11.30 -11.93 -12.40
C ILE B 88 -11.06 -13.02 -13.45
N HIS B 89 -9.79 -13.40 -13.64
CA HIS B 89 -9.44 -14.46 -14.59
C HIS B 89 -9.21 -15.77 -13.89
N GLY B 90 -9.63 -15.86 -12.63
CA GLY B 90 -9.29 -16.98 -11.76
C GLY B 90 -7.82 -16.97 -11.34
N HIS B 91 -7.48 -17.86 -10.40
CA HIS B 91 -6.13 -17.96 -9.88
C HIS B 91 -5.27 -18.78 -10.80
N GLY B 92 -3.99 -18.46 -10.87
CA GLY B 92 -3.05 -19.26 -11.67
C GLY B 92 -3.42 -19.42 -13.13
N HIS B 93 -3.91 -18.35 -13.74
CA HIS B 93 -4.15 -18.33 -15.18
C HIS B 93 -2.81 -18.42 -15.88
N PRO B 94 -2.66 -19.37 -16.81
CA PRO B 94 -1.34 -19.59 -17.42
C PRO B 94 -0.71 -18.34 -18.04
N ALA B 95 -1.52 -17.48 -18.66
CA ALA B 95 -0.99 -16.27 -19.30
C ALA B 95 -0.47 -15.29 -18.25
N LEU B 96 -1.15 -15.23 -17.11
CA LEU B 96 -0.76 -14.30 -16.05
C LEU B 96 0.44 -14.84 -15.28
N ASP B 97 0.44 -16.14 -14.99
CA ASP B 97 1.63 -16.80 -14.43
C ASP B 97 2.87 -16.56 -15.30
N GLN B 98 2.72 -16.73 -16.62
N GLN B 98 2.71 -16.74 -16.61
CA GLN B 98 3.84 -16.57 -17.56
CA GLN B 98 3.79 -16.58 -17.58
C GLN B 98 4.35 -15.14 -17.64
C GLN B 98 4.34 -15.16 -17.57
N ALA B 99 3.45 -14.17 -17.58
CA ALA B 99 3.84 -12.75 -17.58
C ALA B 99 4.71 -12.43 -16.37
N LEU B 100 4.30 -12.92 -15.20
CA LEU B 100 5.05 -12.72 -13.96
C LEU B 100 6.44 -13.37 -14.02
N THR B 101 6.50 -14.62 -14.46
N THR B 101 6.47 -14.63 -14.46
CA THR B 101 7.77 -15.34 -14.55
CA THR B 101 7.71 -15.40 -14.59
C THR B 101 8.69 -14.74 -15.61
C THR B 101 8.66 -14.78 -15.62
N THR B 102 8.10 -14.29 -16.72
CA THR B 102 8.88 -13.62 -17.77
C THR B 102 9.57 -12.37 -17.22
N GLN B 103 8.81 -11.54 -16.51
CA GLN B 103 9.36 -10.30 -15.94
C GLN B 103 10.39 -10.60 -14.87
N LEU B 104 10.13 -11.65 -14.08
CA LEU B 104 11.06 -12.07 -13.03
C LEU B 104 12.48 -12.37 -13.52
N ARG B 105 12.59 -12.89 -14.75
N ARG B 105 12.58 -12.94 -14.72
CA ARG B 105 13.88 -13.22 -15.35
CA ARG B 105 13.86 -13.36 -15.26
C ARG B 105 14.58 -12.01 -15.95
C ARG B 105 14.69 -12.18 -15.73
N VAL B 106 13.88 -10.87 -15.98
N VAL B 106 14.05 -11.02 -15.88
CA VAL B 106 14.42 -9.69 -16.62
CA VAL B 106 14.76 -9.86 -16.39
C VAL B 106 14.79 -8.61 -15.59
C VAL B 106 14.93 -8.73 -15.37
N MET B 107 13.86 -8.34 -14.68
CA MET B 107 13.96 -7.23 -13.70
C MET B 107 12.81 -7.28 -12.69
N ASN B 108 13.13 -7.66 -11.45
CA ASN B 108 12.10 -7.75 -10.41
C ASN B 108 11.53 -6.39 -10.04
N HIS B 109 12.43 -5.44 -9.86
CA HIS B 109 12.06 -4.11 -9.38
C HIS B 109 13.22 -3.17 -9.50
N VAL B 110 12.93 -1.93 -9.85
CA VAL B 110 13.88 -0.82 -9.66
C VAL B 110 13.12 0.38 -9.09
N MET B 111 13.83 1.30 -8.44
CA MET B 111 13.20 2.53 -7.95
C MET B 111 12.67 3.40 -9.10
N PHE B 112 11.52 4.02 -8.88
CA PHE B 112 10.87 4.84 -9.89
C PHE B 112 11.29 6.32 -9.80
N GLY B 113 12.17 6.61 -8.85
CA GLY B 113 12.80 7.93 -8.75
C GLY B 113 14.00 8.02 -9.68
N GLY B 114 13.80 8.64 -10.84
CA GLY B 114 14.87 8.87 -11.80
C GLY B 114 14.99 7.82 -12.89
N LEU B 115 14.22 6.74 -12.74
CA LEU B 115 14.20 5.62 -13.69
C LEU B 115 12.78 5.36 -14.16
N THR B 116 12.66 4.81 -15.36
CA THR B 116 11.38 4.29 -15.84
C THR B 116 11.63 2.91 -16.48
N HIS B 117 10.55 2.23 -16.86
CA HIS B 117 10.68 0.89 -17.43
C HIS B 117 9.49 0.51 -18.27
N GLU B 118 9.65 -0.58 -19.02
CA GLU B 118 8.64 -1.03 -19.97
C GLU B 118 7.29 -1.42 -19.35
N PRO B 119 7.31 -2.23 -18.25
CA PRO B 119 6.01 -2.57 -17.66
C PRO B 119 5.19 -1.34 -17.24
N ALA B 120 5.82 -0.36 -16.61
CA ALA B 120 5.11 0.88 -16.23
C ALA B 120 4.56 1.61 -17.45
N ALA B 121 5.37 1.73 -18.50
CA ALA B 121 4.97 2.42 -19.71
C ALA B 121 3.82 1.68 -20.41
N ARG B 122 3.97 0.37 -20.58
CA ARG B 122 2.93 -0.46 -21.20
C ARG B 122 1.60 -0.38 -20.45
N LEU B 123 1.66 -0.44 -19.12
CA LEU B 123 0.45 -0.39 -18.31
C LEU B 123 -0.21 0.99 -18.36
N ALA B 124 0.60 2.05 -18.25
CA ALA B 124 0.08 3.41 -18.28
C ALA B 124 -0.63 3.68 -19.61
N LYS B 125 0.00 3.27 -20.71
CA LYS B 125 -0.60 3.37 -22.03
C LYS B 125 -1.96 2.68 -22.13
N LEU B 126 -2.02 1.43 -21.65
CA LEU B 126 -3.27 0.69 -21.62
C LEU B 126 -4.35 1.41 -20.83
N LEU B 127 -4.03 1.79 -19.59
CA LEU B 127 -4.99 2.44 -18.70
C LEU B 127 -5.53 3.76 -19.24
N VAL B 128 -4.66 4.57 -19.84
N VAL B 128 -4.68 4.58 -19.85
CA VAL B 128 -5.08 5.81 -20.44
CA VAL B 128 -5.14 5.85 -20.43
C VAL B 128 -6.06 5.55 -21.59
C VAL B 128 -5.96 5.65 -21.71
N ASP B 129 -5.77 4.53 -22.39
CA ASP B 129 -6.59 4.18 -23.56
C ASP B 129 -7.98 3.67 -23.22
N ILE B 130 -8.10 2.89 -22.13
CA ILE B 130 -9.34 2.17 -21.81
C ILE B 130 -10.27 2.86 -20.80
N THR B 131 -9.74 3.83 -20.06
CA THR B 131 -10.53 4.56 -19.06
C THR B 131 -11.36 5.64 -19.75
N PRO B 132 -12.38 6.16 -19.05
CA PRO B 132 -13.19 7.25 -19.61
C PRO B 132 -12.34 8.39 -20.18
N ALA B 133 -12.83 8.99 -21.27
CA ALA B 133 -12.11 10.02 -22.01
C ALA B 133 -11.54 11.13 -21.13
N GLY B 134 -10.29 11.52 -21.41
CA GLY B 134 -9.68 12.66 -20.75
C GLY B 134 -8.71 12.34 -19.63
N LEU B 135 -8.68 11.08 -19.20
CA LEU B 135 -7.75 10.66 -18.15
C LEU B 135 -6.41 10.29 -18.77
N ASP B 136 -5.48 11.23 -18.72
CA ASP B 136 -4.24 11.20 -19.50
C ASP B 136 -2.98 10.87 -18.70
N THR B 137 -3.07 10.89 -17.38
CA THR B 137 -1.89 10.67 -16.54
C THR B 137 -2.18 9.65 -15.44
N VAL B 138 -1.14 8.90 -15.07
CA VAL B 138 -1.28 7.76 -14.18
C VAL B 138 -0.25 7.83 -13.07
N PHE B 139 -0.74 7.81 -11.84
CA PHE B 139 0.11 7.73 -10.65
C PHE B 139 -0.07 6.35 -10.03
N PHE B 140 0.98 5.54 -10.08
CA PHE B 140 0.92 4.19 -9.49
C PHE B 140 1.17 4.19 -8.00
N SER B 141 0.42 3.36 -7.27
CA SER B 141 0.66 3.17 -5.85
C SER B 141 0.43 1.70 -5.47
N ASP B 142 0.56 1.38 -4.19
N ASP B 142 0.54 1.40 -4.18
CA ASP B 142 0.60 -0.04 -3.78
CA ASP B 142 0.62 0.02 -3.70
C ASP B 142 -0.66 -0.58 -3.10
C ASP B 142 -0.73 -0.60 -3.38
N SER B 143 -1.72 0.24 -3.04
CA SER B 143 -3.02 -0.24 -2.56
C SER B 143 -4.13 0.74 -2.86
N GLY B 144 -5.37 0.25 -2.76
CA GLY B 144 -6.54 1.06 -3.03
C GLY B 144 -6.63 2.27 -2.12
N SER B 145 -6.43 2.07 -0.82
N SER B 145 -6.41 2.07 -0.83
CA SER B 145 -6.49 3.17 0.15
CA SER B 145 -6.51 3.16 0.16
C SER B 145 -5.49 4.25 -0.22
C SER B 145 -5.45 4.23 -0.10
N VAL B 146 -4.27 3.83 -0.56
CA VAL B 146 -3.23 4.79 -0.95
C VAL B 146 -3.68 5.56 -2.20
N SER B 147 -4.26 4.85 -3.17
N SER B 147 -4.24 4.83 -3.17
CA SER B 147 -4.70 5.50 -4.42
CA SER B 147 -4.74 5.43 -4.41
C SER B 147 -5.77 6.55 -4.14
C SER B 147 -5.75 6.55 -4.12
N VAL B 148 -6.60 6.30 -3.13
CA VAL B 148 -7.64 7.26 -2.72
C VAL B 148 -7.01 8.48 -2.05
N GLU B 149 -5.99 8.25 -1.20
CA GLU B 149 -5.25 9.36 -0.57
C GLU B 149 -4.54 10.20 -1.62
N VAL B 150 -4.01 9.55 -2.65
CA VAL B 150 -3.36 10.27 -3.76
C VAL B 150 -4.39 11.12 -4.51
N ALA B 151 -5.58 10.55 -4.74
CA ALA B 151 -6.66 11.28 -5.41
C ALA B 151 -7.06 12.52 -4.64
N ALA B 152 -7.19 12.38 -3.33
CA ALA B 152 -7.53 13.51 -2.47
C ALA B 152 -6.41 14.56 -2.51
N LYS B 153 -5.17 14.10 -2.50
CA LYS B 153 -4.01 15.00 -2.56
C LYS B 153 -3.97 15.77 -3.88
N MET B 154 -4.28 15.09 -4.99
CA MET B 154 -4.37 15.74 -6.29
C MET B 154 -5.43 16.84 -6.24
N ALA B 155 -6.59 16.51 -5.69
CA ALA B 155 -7.71 17.46 -5.64
C ALA B 155 -7.35 18.68 -4.80
N LEU B 156 -6.77 18.46 -3.62
CA LEU B 156 -6.40 19.58 -2.75
C LEU B 156 -5.30 20.43 -3.38
N GLN B 157 -4.28 19.78 -3.95
CA GLN B 157 -3.18 20.52 -4.58
C GLN B 157 -3.62 21.27 -5.82
N TYR B 158 -4.60 20.71 -6.52
CA TYR B 158 -5.21 21.37 -7.67
C TYR B 158 -5.72 22.74 -7.26
N TRP B 159 -6.52 22.80 -6.20
CA TRP B 159 -7.14 24.08 -5.81
C TRP B 159 -6.16 25.03 -5.19
N ARG B 160 -5.10 24.50 -4.59
CA ARG B 160 -3.99 25.33 -4.14
C ARG B 160 -3.29 25.97 -5.33
N GLY B 161 -3.18 25.22 -6.42
CA GLY B 161 -2.61 25.71 -7.67
C GLY B 161 -3.50 26.73 -8.35
N ARG B 162 -4.79 26.74 -8.01
CA ARG B 162 -5.75 27.74 -8.50
C ARG B 162 -5.88 28.93 -7.53
N GLY B 163 -5.08 28.95 -6.48
CA GLY B 163 -5.14 30.01 -5.47
C GLY B 163 -6.41 29.97 -4.62
N LEU B 164 -6.94 28.78 -4.41
CA LEU B 164 -8.15 28.58 -3.60
C LEU B 164 -7.97 27.49 -2.54
N PRO B 165 -7.05 27.70 -1.56
CA PRO B 165 -6.73 26.66 -0.59
C PRO B 165 -7.85 26.39 0.43
N GLY B 166 -8.90 27.19 0.41
CA GLY B 166 -10.08 26.94 1.25
C GLY B 166 -10.88 25.74 0.76
N LYS B 167 -10.68 25.37 -0.51
CA LYS B 167 -11.35 24.21 -1.09
C LYS B 167 -10.56 22.96 -0.70
N ARG B 168 -10.89 22.44 0.47
CA ARG B 168 -10.09 21.39 1.11
C ARG B 168 -10.92 20.25 1.69
N ARG B 169 -12.25 20.39 1.65
CA ARG B 169 -13.13 19.33 2.15
C ARG B 169 -13.58 18.41 1.01
N LEU B 170 -14.04 17.23 1.38
CA LEU B 170 -14.60 16.29 0.43
C LEU B 170 -16.08 16.09 0.70
N MET B 171 -16.82 15.83 -0.37
CA MET B 171 -18.23 15.48 -0.24
C MET B 171 -18.49 14.10 -0.85
N THR B 172 -19.37 13.34 -0.22
CA THR B 172 -19.78 12.06 -0.76
C THR B 172 -21.22 11.77 -0.36
N TRP B 173 -21.75 10.67 -0.83
CA TRP B 173 -23.04 10.20 -0.35
C TRP B 173 -22.85 9.06 0.60
N ARG B 174 -23.84 8.81 1.45
CA ARG B 174 -23.75 7.72 2.40
C ARG B 174 -23.73 6.36 1.70
N GLY B 175 -23.28 5.33 2.42
CA GLY B 175 -23.21 3.97 1.90
C GLY B 175 -21.89 3.58 1.30
N GLY B 176 -20.92 4.49 1.34
CA GLY B 176 -19.67 4.30 0.62
C GLY B 176 -18.56 3.64 1.41
N TYR B 177 -17.55 3.15 0.68
CA TYR B 177 -16.34 2.63 1.29
C TYR B 177 -15.17 2.94 0.36
N HIS B 178 -14.09 3.49 0.93
CA HIS B 178 -12.93 3.90 0.14
C HIS B 178 -11.60 3.51 0.73
N GLY B 179 -11.62 2.61 1.71
CA GLY B 179 -10.38 2.15 2.32
C GLY B 179 -10.27 2.53 3.78
N ASP B 180 -9.13 2.18 4.38
N ASP B 180 -9.19 2.14 4.45
CA ASP B 180 -8.96 2.15 5.83
CA ASP B 180 -9.14 2.37 5.90
C ASP B 180 -7.94 3.12 6.42
C ASP B 180 -7.93 3.14 6.43
N THR B 181 -7.18 3.80 5.55
CA THR B 181 -6.24 4.81 6.01
C THR B 181 -7.10 5.98 6.53
N PHE B 182 -6.52 6.84 7.37
CA PHE B 182 -7.34 7.83 8.08
C PHE B 182 -8.09 8.82 7.19
N LEU B 183 -7.48 9.25 6.08
CA LEU B 183 -8.21 10.10 5.14
C LEU B 183 -9.32 9.32 4.42
N ALA B 184 -9.01 8.11 3.96
CA ALA B 184 -10.01 7.27 3.31
C ALA B 184 -11.19 7.00 4.25
N MET B 185 -10.88 6.81 5.54
CA MET B 185 -11.92 6.55 6.55
C MET B 185 -12.92 7.71 6.62
N SER B 186 -12.43 8.93 6.43
CA SER B 186 -13.25 10.13 6.59
C SER B 186 -14.40 10.21 5.57
N ILE B 187 -14.28 9.46 4.47
CA ILE B 187 -15.34 9.44 3.45
C ILE B 187 -16.12 8.13 3.38
N CYS B 188 -15.78 7.20 4.28
N CYS B 188 -15.79 7.19 4.27
CA CYS B 188 -16.52 5.97 4.49
CA CYS B 188 -16.54 5.95 4.38
C CYS B 188 -17.87 6.30 5.11
C CYS B 188 -17.83 6.24 5.15
N ASP B 189 -18.87 5.46 4.87
CA ASP B 189 -20.16 5.60 5.55
C ASP B 189 -19.96 5.68 7.08
N PRO B 190 -20.57 6.70 7.72
CA PRO B 190 -20.33 6.85 9.15
C PRO B 190 -20.68 5.62 10.00
N HIS B 191 -21.65 4.81 9.56
CA HIS B 191 -22.04 3.58 10.27
C HIS B 191 -21.17 2.41 9.93
N GLY B 192 -21.03 2.12 8.64
CA GLY B 192 -20.16 1.05 8.18
C GLY B 192 -18.73 1.24 8.69
N GLY B 193 -18.29 2.48 8.71
CA GLY B 193 -16.93 2.82 9.14
C GLY B 193 -16.77 3.07 10.62
N MET B 194 -17.82 2.80 11.39
CA MET B 194 -17.83 2.96 12.85
C MET B 194 -17.20 4.28 13.31
N HIS B 195 -17.72 5.39 12.77
CA HIS B 195 -17.17 6.71 13.08
C HIS B 195 -17.35 7.09 14.53
N SER B 196 -18.33 6.47 15.18
CA SER B 196 -18.58 6.68 16.61
C SER B 196 -17.40 6.30 17.51
N LEU B 197 -16.52 5.45 16.99
CA LEU B 197 -15.33 5.02 17.69
C LEU B 197 -14.19 6.02 17.46
N TRP B 198 -14.40 6.92 16.51
CA TRP B 198 -13.35 7.82 16.06
C TRP B 198 -13.67 9.27 16.29
N THR B 199 -14.44 9.53 17.35
CA THR B 199 -14.85 10.89 17.72
C THR B 199 -13.65 11.83 17.78
N ASP B 200 -13.71 12.87 16.96
CA ASP B 200 -12.67 13.90 16.78
C ASP B 200 -11.24 13.43 16.46
N VAL B 201 -11.12 12.33 15.73
CA VAL B 201 -9.83 11.98 15.10
C VAL B 201 -9.90 12.14 13.58
N LEU B 202 -11.08 11.90 13.01
CA LEU B 202 -11.26 11.93 11.55
C LEU B 202 -11.58 13.33 11.06
N ALA B 203 -11.12 13.64 9.85
CA ALA B 203 -11.55 14.84 9.12
C ALA B 203 -13.06 14.79 8.99
N ALA B 204 -13.71 15.95 9.16
CA ALA B 204 -15.17 16.04 9.06
C ALA B 204 -15.57 16.39 7.62
N GLN B 205 -16.15 15.43 6.91
CA GLN B 205 -16.48 15.62 5.51
C GLN B 205 -17.98 15.88 5.35
N VAL B 206 -18.39 16.21 4.14
CA VAL B 206 -19.80 16.50 3.85
C VAL B 206 -20.47 15.25 3.31
N PHE B 207 -21.52 14.78 3.99
CA PHE B 207 -22.28 13.61 3.54
C PHE B 207 -23.68 13.96 3.06
N ALA B 208 -23.98 13.60 1.81
CA ALA B 208 -25.35 13.56 1.29
C ALA B 208 -26.02 12.26 1.75
N PRO B 209 -27.37 12.21 1.71
CA PRO B 209 -28.09 10.99 2.07
C PRO B 209 -27.77 9.83 1.13
N GLN B 210 -28.06 8.62 1.55
CA GLN B 210 -27.88 7.42 0.73
C GLN B 210 -28.51 7.61 -0.66
N VAL B 211 -27.74 7.36 -1.70
CA VAL B 211 -28.26 7.44 -3.08
C VAL B 211 -29.23 6.27 -3.32
N PRO B 212 -30.43 6.56 -3.87
CA PRO B 212 -31.40 5.48 -4.07
C PRO B 212 -31.08 4.61 -5.28
N ARG B 213 -31.70 3.44 -5.35
CA ARG B 213 -31.56 2.56 -6.51
C ARG B 213 -32.16 3.20 -7.77
N ASP B 214 -33.44 3.57 -7.70
CA ASP B 214 -34.16 4.13 -8.83
C ASP B 214 -33.86 5.61 -8.98
N TYR B 215 -33.84 6.08 -10.23
CA TYR B 215 -33.54 7.47 -10.52
C TYR B 215 -34.67 8.44 -10.13
N ASP B 216 -34.33 9.38 -9.25
CA ASP B 216 -35.24 10.41 -8.78
C ASP B 216 -34.50 11.74 -8.87
N PRO B 217 -34.93 12.63 -9.81
CA PRO B 217 -34.31 13.95 -10.00
C PRO B 217 -34.27 14.77 -8.71
N ALA B 218 -35.19 14.50 -7.79
CA ALA B 218 -35.26 15.23 -6.53
C ALA B 218 -34.03 14.98 -5.68
N TYR B 219 -33.55 13.74 -5.69
CA TYR B 219 -32.34 13.39 -4.97
C TYR B 219 -31.16 14.24 -5.46
N SER B 220 -31.01 14.32 -6.79
CA SER B 220 -29.93 15.10 -7.39
C SER B 220 -30.07 16.60 -7.11
N ALA B 221 -31.29 17.10 -7.19
CA ALA B 221 -31.56 18.50 -6.85
C ALA B 221 -31.16 18.82 -5.41
N ALA B 222 -31.46 17.90 -4.50
CA ALA B 222 -31.11 18.04 -3.08
C ALA B 222 -29.59 17.93 -2.88
N PHE B 223 -28.95 17.03 -3.63
CA PHE B 223 -27.49 16.88 -3.59
C PHE B 223 -26.83 18.19 -4.02
N GLU B 224 -27.35 18.78 -5.10
CA GLU B 224 -26.84 20.03 -5.65
C GLU B 224 -26.99 21.18 -4.65
N ALA B 225 -28.15 21.26 -4.01
CA ALA B 225 -28.40 22.33 -3.05
C ALA B 225 -27.44 22.27 -1.85
N GLN B 226 -27.19 21.05 -1.37
CA GLN B 226 -26.23 20.82 -0.28
C GLN B 226 -24.80 21.16 -0.72
N LEU B 227 -24.41 20.69 -1.90
CA LEU B 227 -23.09 21.02 -2.44
C LEU B 227 -22.94 22.54 -2.59
N ALA B 228 -23.97 23.19 -3.11
CA ALA B 228 -23.91 24.62 -3.39
C ALA B 228 -23.47 25.43 -2.18
N GLN B 229 -24.00 25.08 -1.01
CA GLN B 229 -23.68 25.87 0.17
C GLN B 229 -22.29 25.58 0.72
N HIS B 230 -21.69 24.47 0.29
CA HIS B 230 -20.32 24.10 0.71
C HIS B 230 -19.32 24.29 -0.39
N ALA B 231 -19.76 24.78 -1.55
CA ALA B 231 -18.94 24.80 -2.76
C ALA B 231 -17.58 25.46 -2.57
N GLY B 232 -17.57 26.56 -1.82
CA GLY B 232 -16.35 27.33 -1.58
C GLY B 232 -15.35 26.66 -0.67
N GLU B 233 -15.74 25.58 0.00
CA GLU B 233 -14.81 24.83 0.85
C GLU B 233 -14.64 23.37 0.39
N LEU B 234 -15.21 23.04 -0.75
CA LEU B 234 -15.10 21.69 -1.32
C LEU B 234 -14.07 21.54 -2.44
N ALA B 235 -13.14 20.61 -2.25
CA ALA B 235 -12.19 20.24 -3.31
C ALA B 235 -12.83 19.28 -4.30
N ALA B 236 -13.60 18.31 -3.81
CA ALA B 236 -14.07 17.23 -4.66
C ALA B 236 -15.27 16.50 -4.07
N VAL B 237 -16.10 15.99 -4.97
CA VAL B 237 -17.05 14.91 -4.68
C VAL B 237 -16.32 13.60 -5.00
N VAL B 238 -16.39 12.65 -4.07
N VAL B 238 -16.40 12.63 -4.08
CA VAL B 238 -15.83 11.31 -4.26
CA VAL B 238 -15.82 11.32 -4.34
C VAL B 238 -16.97 10.32 -4.10
C VAL B 238 -16.86 10.25 -4.07
N VAL B 239 -17.16 9.44 -5.09
CA VAL B 239 -18.16 8.36 -4.99
C VAL B 239 -17.68 7.09 -5.69
N GLU B 240 -18.27 5.96 -5.30
CA GLU B 240 -18.19 4.73 -6.08
C GLU B 240 -19.32 4.79 -7.12
N PRO B 241 -18.98 4.65 -8.41
CA PRO B 241 -19.99 4.75 -9.47
C PRO B 241 -20.79 3.46 -9.71
N VAL B 242 -22.11 3.61 -9.76
CA VAL B 242 -23.08 2.51 -10.03
C VAL B 242 -23.22 1.50 -8.88
N VAL B 243 -22.09 0.98 -8.39
CA VAL B 243 -22.10 -0.03 -7.35
C VAL B 243 -21.28 0.41 -6.13
N GLN B 244 -21.94 0.43 -4.98
CA GLN B 244 -21.27 0.62 -3.71
C GLN B 244 -21.00 -0.77 -3.13
N GLY B 245 -19.72 -1.12 -3.00
CA GLY B 245 -19.32 -2.47 -2.63
C GLY B 245 -19.32 -2.78 -1.14
N ALA B 246 -18.19 -2.57 -0.47
CA ALA B 246 -18.01 -2.99 0.91
C ALA B 246 -18.97 -2.32 1.92
N GLY B 247 -19.56 -1.21 1.50
CA GLY B 247 -20.50 -0.46 2.34
C GLY B 247 -21.94 -0.94 2.28
N GLY B 248 -22.22 -1.93 1.45
CA GLY B 248 -23.56 -2.53 1.42
C GLY B 248 -24.05 -3.18 0.15
N MET B 249 -23.16 -3.32 -0.84
CA MET B 249 -23.50 -3.97 -2.11
C MET B 249 -24.79 -3.40 -2.73
N ARG B 250 -24.85 -2.07 -2.75
CA ARG B 250 -26.02 -1.35 -3.28
C ARG B 250 -25.76 -0.87 -4.69
N PHE B 251 -26.80 -0.89 -5.52
CA PHE B 251 -26.71 -0.36 -6.88
C PHE B 251 -27.54 0.91 -7.00
N HIS B 252 -27.09 1.83 -7.85
CA HIS B 252 -27.87 3.03 -8.17
C HIS B 252 -27.87 3.30 -9.64
N ASP B 253 -28.91 4.00 -10.10
CA ASP B 253 -29.07 4.34 -11.50
C ASP B 253 -27.88 5.17 -12.00
N PRO B 254 -27.27 4.76 -13.13
CA PRO B 254 -26.15 5.49 -13.73
C PRO B 254 -26.42 6.99 -13.99
N ARG B 255 -27.68 7.36 -14.15
N ARG B 255 -27.67 7.38 -14.16
CA ARG B 255 -28.04 8.76 -14.41
CA ARG B 255 -27.97 8.79 -14.44
C ARG B 255 -27.62 9.71 -13.28
C ARG B 255 -27.62 9.72 -13.27
N TYR B 256 -27.52 9.19 -12.06
CA TYR B 256 -27.02 9.97 -10.92
C TYR B 256 -25.60 10.49 -11.14
N LEU B 257 -24.78 9.67 -11.79
CA LEU B 257 -23.40 10.05 -12.13
C LEU B 257 -23.37 11.17 -13.16
N HIS B 258 -24.32 11.13 -14.09
CA HIS B 258 -24.47 12.20 -15.06
C HIS B 258 -24.80 13.50 -14.34
N ASP B 259 -25.68 13.41 -13.36
CA ASP B 259 -26.03 14.58 -12.54
C ASP B 259 -24.84 15.09 -11.73
N LEU B 260 -24.06 14.20 -11.13
CA LEU B 260 -22.86 14.60 -10.38
C LEU B 260 -21.88 15.34 -11.28
N ARG B 261 -21.64 14.82 -12.49
CA ARG B 261 -20.73 15.47 -13.44
C ARG B 261 -21.18 16.90 -13.72
N ASP B 262 -22.49 17.08 -13.91
CA ASP B 262 -23.08 18.37 -14.21
C ASP B 262 -22.98 19.31 -13.01
N ILE B 263 -23.34 18.83 -11.82
CA ILE B 263 -23.28 19.63 -10.60
C ILE B 263 -21.84 20.08 -10.34
N CYS B 264 -20.89 19.15 -10.44
CA CYS B 264 -19.48 19.46 -10.21
C CYS B 264 -18.93 20.47 -11.22
N ARG B 265 -19.34 20.32 -12.48
CA ARG B 265 -18.99 21.28 -13.53
C ARG B 265 -19.46 22.69 -13.17
N ARG B 266 -20.75 22.84 -12.86
CA ARG B 266 -21.32 24.16 -12.65
C ARG B 266 -20.86 24.86 -11.37
N TYR B 267 -20.53 24.07 -10.35
CA TYR B 267 -20.12 24.63 -9.06
C TYR B 267 -18.62 24.59 -8.81
N GLU B 268 -17.87 24.18 -9.84
CA GLU B 268 -16.40 24.14 -9.80
C GLU B 268 -15.88 23.32 -8.62
N VAL B 269 -16.29 22.06 -8.59
CA VAL B 269 -15.80 21.08 -7.64
C VAL B 269 -15.34 19.91 -8.48
N LEU B 270 -14.17 19.32 -8.18
CA LEU B 270 -13.70 18.16 -8.94
C LEU B 270 -14.55 16.93 -8.65
N LEU B 271 -14.65 16.03 -9.63
CA LEU B 271 -15.34 14.76 -9.47
C LEU B 271 -14.32 13.62 -9.46
N ILE B 272 -14.37 12.80 -8.41
CA ILE B 272 -13.49 11.63 -8.29
C ILE B 272 -14.34 10.37 -8.28
N PHE B 273 -14.07 9.45 -9.20
CA PHE B 273 -14.74 8.14 -9.15
C PHE B 273 -13.76 7.12 -8.61
N ASP B 274 -14.19 6.41 -7.58
CA ASP B 274 -13.43 5.29 -7.04
C ASP B 274 -13.93 4.00 -7.71
N GLU B 275 -13.16 3.51 -8.68
CA GLU B 275 -13.54 2.30 -9.43
C GLU B 275 -12.67 1.13 -9.02
N ILE B 276 -12.18 1.16 -7.79
CA ILE B 276 -11.31 0.08 -7.28
C ILE B 276 -12.03 -1.27 -7.29
N ALA B 277 -13.33 -1.27 -6.94
CA ALA B 277 -14.16 -2.48 -7.02
C ALA B 277 -14.90 -2.65 -8.34
N THR B 278 -15.30 -1.54 -8.96
CA THR B 278 -16.16 -1.60 -10.16
C THR B 278 -15.42 -1.77 -11.49
N GLY B 279 -14.10 -1.59 -11.48
CA GLY B 279 -13.32 -1.57 -12.70
C GLY B 279 -13.21 -2.88 -13.45
N PHE B 280 -12.72 -2.76 -14.68
CA PHE B 280 -12.34 -3.92 -15.50
C PHE B 280 -13.48 -4.90 -15.78
N GLY B 281 -14.62 -4.34 -16.17
CA GLY B 281 -15.75 -5.13 -16.68
C GLY B 281 -16.77 -5.64 -15.67
N ARG B 282 -16.49 -5.48 -14.37
CA ARG B 282 -17.30 -6.14 -13.33
C ARG B 282 -18.81 -5.83 -13.38
N THR B 283 -19.16 -4.58 -13.66
CA THR B 283 -20.56 -4.16 -13.69
C THR B 283 -21.23 -4.27 -15.07
N GLY B 284 -20.53 -4.84 -16.05
CA GLY B 284 -21.09 -5.00 -17.40
C GLY B 284 -20.60 -3.99 -18.40
N ALA B 285 -19.93 -2.95 -17.90
CA ALA B 285 -19.19 -2.01 -18.73
C ALA B 285 -17.72 -2.08 -18.32
N LEU B 286 -16.83 -1.60 -19.17
CA LEU B 286 -15.41 -1.72 -18.88
C LEU B 286 -15.09 -0.98 -17.58
N PHE B 287 -15.63 0.22 -17.46
CA PHE B 287 -15.67 0.93 -16.18
C PHE B 287 -17.08 1.39 -15.93
N ALA B 288 -17.48 1.44 -14.67
CA ALA B 288 -18.87 1.73 -14.33
C ALA B 288 -19.29 3.12 -14.81
N ALA B 289 -18.35 4.04 -14.88
CA ALA B 289 -18.60 5.38 -15.44
C ALA B 289 -19.17 5.31 -16.86
N ASP B 290 -18.79 4.28 -17.60
CA ASP B 290 -19.23 4.10 -18.98
C ASP B 290 -20.75 3.91 -19.10
N HIS B 291 -21.39 3.38 -18.05
CA HIS B 291 -22.86 3.25 -18.02
C HIS B 291 -23.54 4.59 -18.09
N ALA B 292 -22.86 5.62 -17.60
CA ALA B 292 -23.40 6.97 -17.55
C ALA B 292 -22.86 7.87 -18.68
N GLY B 293 -21.81 7.41 -19.35
CA GLY B 293 -21.16 8.17 -20.41
C GLY B 293 -20.50 9.45 -19.90
N VAL B 294 -19.92 9.34 -18.72
N VAL B 294 -19.99 9.42 -18.68
CA VAL B 294 -19.34 10.44 -17.97
CA VAL B 294 -19.30 10.59 -18.14
C VAL B 294 -17.86 10.18 -17.70
C VAL B 294 -17.90 10.23 -17.66
N SER B 295 -17.05 11.25 -17.64
CA SER B 295 -15.68 11.12 -17.19
C SER B 295 -15.48 11.92 -15.91
N PRO B 296 -14.85 11.31 -14.90
CA PRO B 296 -14.44 12.06 -13.71
C PRO B 296 -13.17 12.86 -13.99
N ASP B 297 -12.82 13.76 -13.07
CA ASP B 297 -11.56 14.49 -13.19
C ASP B 297 -10.40 13.63 -12.70
N ILE B 298 -10.70 12.77 -11.72
CA ILE B 298 -9.72 11.87 -11.12
C ILE B 298 -10.40 10.52 -10.94
N MET B 299 -9.65 9.44 -11.18
CA MET B 299 -10.18 8.09 -11.07
C MET B 299 -9.21 7.16 -10.33
N CYS B 300 -9.75 6.29 -9.49
CA CYS B 300 -8.95 5.27 -8.81
C CYS B 300 -9.28 3.89 -9.30
N VAL B 301 -8.24 3.09 -9.52
CA VAL B 301 -8.39 1.67 -9.86
C VAL B 301 -7.46 0.80 -8.98
N GLY B 302 -7.82 -0.48 -8.87
CA GLY B 302 -7.02 -1.42 -8.07
C GLY B 302 -7.62 -2.81 -8.24
N LYS B 303 -7.50 -3.61 -7.19
CA LYS B 303 -8.09 -4.96 -7.10
C LYS B 303 -7.88 -5.80 -8.38
N ALA B 304 -8.85 -5.81 -9.28
CA ALA B 304 -8.78 -6.63 -10.49
C ALA B 304 -7.67 -6.19 -11.47
N LEU B 305 -7.11 -5.01 -11.24
CA LEU B 305 -6.00 -4.47 -12.04
C LEU B 305 -4.92 -5.52 -12.31
N THR B 306 -4.48 -6.22 -11.27
CA THR B 306 -3.41 -7.21 -11.38
C THR B 306 -3.96 -8.62 -11.62
N GLY B 307 -5.25 -8.73 -11.91
CA GLY B 307 -5.92 -10.04 -11.90
C GLY B 307 -5.85 -10.75 -10.55
N GLY B 308 -5.61 -9.99 -9.49
CA GLY B 308 -5.63 -10.53 -8.13
C GLY B 308 -4.35 -11.23 -7.71
N TYR B 309 -3.27 -10.99 -8.43
CA TYR B 309 -1.99 -11.62 -8.13
C TYR B 309 -1.24 -10.91 -7.03
N LEU B 310 -1.28 -9.57 -7.07
CA LEU B 310 -0.43 -8.70 -6.27
C LEU B 310 -1.16 -7.41 -5.99
N SER B 311 -0.78 -6.73 -4.92
CA SER B 311 -1.35 -5.42 -4.62
C SER B 311 -0.74 -4.37 -5.55
N LEU B 312 -1.60 -3.70 -6.31
CA LEU B 312 -1.22 -2.55 -7.12
C LEU B 312 -2.48 -1.72 -7.29
N ALA B 313 -2.30 -0.41 -7.37
CA ALA B 313 -3.40 0.50 -7.63
C ALA B 313 -2.90 1.64 -8.48
N ALA B 314 -3.83 2.42 -9.04
CA ALA B 314 -3.46 3.60 -9.83
C ALA B 314 -4.47 4.71 -9.64
N THR B 315 -3.99 5.94 -9.72
CA THR B 315 -4.84 7.11 -9.68
C THR B 315 -4.60 7.87 -10.98
N LEU B 316 -5.65 8.05 -11.76
CA LEU B 316 -5.56 8.77 -13.03
C LEU B 316 -6.19 10.13 -12.91
N CYS B 317 -5.66 11.10 -13.64
CA CYS B 317 -6.28 12.43 -13.69
C CYS B 317 -6.14 13.04 -15.06
N THR B 318 -6.92 14.09 -15.30
CA THR B 318 -6.91 14.79 -16.58
C THR B 318 -5.66 15.63 -16.75
N ALA B 319 -5.39 16.03 -18.00
CA ALA B 319 -4.30 16.96 -18.30
C ALA B 319 -4.44 18.23 -17.47
N ASP B 320 -5.65 18.78 -17.40
CA ASP B 320 -5.93 19.99 -16.62
C ASP B 320 -5.49 19.83 -15.15
N VAL B 321 -5.90 18.74 -14.52
CA VAL B 321 -5.55 18.50 -13.14
C VAL B 321 -4.01 18.40 -12.99
N ALA B 322 -3.38 17.61 -13.86
CA ALA B 322 -1.93 17.40 -13.81
C ALA B 322 -1.13 18.69 -14.01
N HIS B 323 -1.55 19.49 -14.97
CA HIS B 323 -0.87 20.75 -15.27
C HIS B 323 -1.07 21.79 -14.20
N THR B 324 -2.27 21.82 -13.63
CA THR B 324 -2.59 22.81 -12.58
C THR B 324 -1.79 22.53 -11.31
N ILE B 325 -1.66 21.26 -10.97
CA ILE B 325 -0.78 20.85 -9.90
C ILE B 325 0.67 21.27 -10.22
N SER B 326 1.14 20.94 -11.42
CA SER B 326 2.54 21.12 -11.80
C SER B 326 2.96 22.59 -11.92
N ALA B 327 2.01 23.44 -12.29
CA ALA B 327 2.26 24.88 -12.47
C ALA B 327 2.08 25.68 -11.18
N GLY B 328 1.59 25.00 -10.13
CA GLY B 328 1.41 25.61 -8.82
C GLY B 328 2.74 25.92 -8.16
N ALA B 329 2.70 26.79 -7.15
CA ALA B 329 3.91 27.18 -6.42
C ALA B 329 4.62 25.99 -5.78
N ALA B 330 3.85 24.94 -5.49
CA ALA B 330 4.38 23.68 -4.97
C ALA B 330 5.26 22.95 -6.01
N GLY B 331 4.78 22.90 -7.26
CA GLY B 331 5.60 22.41 -8.39
C GLY B 331 5.67 20.91 -8.58
N ALA B 332 5.20 20.15 -7.60
CA ALA B 332 5.25 18.70 -7.66
C ALA B 332 4.17 18.11 -6.76
N LEU B 333 3.61 17.00 -7.19
CA LEU B 333 2.71 16.21 -6.34
C LEU B 333 3.58 15.49 -5.31
N MET B 334 3.39 15.84 -4.04
CA MET B 334 4.25 15.36 -2.97
C MET B 334 3.86 13.96 -2.51
N HIS B 335 4.08 12.98 -3.38
CA HIS B 335 3.76 11.59 -3.05
C HIS B 335 4.68 10.71 -3.85
N GLY B 336 5.08 9.58 -3.26
CA GLY B 336 6.00 8.68 -3.96
C GLY B 336 6.32 7.42 -3.15
N PRO B 337 5.46 6.40 -3.24
CA PRO B 337 5.67 5.16 -2.49
C PRO B 337 6.94 4.46 -2.92
N THR B 338 7.61 3.80 -1.98
CA THR B 338 8.85 3.09 -2.24
C THR B 338 8.76 2.15 -3.44
N PHE B 339 7.73 1.32 -3.48
CA PHE B 339 7.56 0.35 -4.55
C PHE B 339 6.71 0.85 -5.72
N MET B 340 6.59 2.17 -5.85
CA MET B 340 5.87 2.78 -6.96
C MET B 340 6.18 2.12 -8.31
N ALA B 341 5.13 1.70 -9.01
CA ALA B 341 5.22 1.14 -10.37
C ALA B 341 6.10 -0.12 -10.45
N ASN B 342 6.02 -0.96 -9.41
CA ASN B 342 6.77 -2.20 -9.34
C ASN B 342 6.65 -2.99 -10.65
N PRO B 343 7.79 -3.28 -11.30
CA PRO B 343 7.78 -4.04 -12.57
C PRO B 343 6.97 -5.35 -12.54
N LEU B 344 7.08 -6.13 -11.47
CA LEU B 344 6.36 -7.42 -11.41
C LEU B 344 4.85 -7.21 -11.41
N ALA B 345 4.38 -6.32 -10.53
CA ALA B 345 2.95 -6.00 -10.46
C ALA B 345 2.45 -5.39 -11.76
N CYS B 346 3.23 -4.49 -12.35
CA CYS B 346 2.85 -3.86 -13.61
C CYS B 346 2.79 -4.89 -14.73
N ALA B 347 3.75 -5.82 -14.74
CA ALA B 347 3.83 -6.84 -15.78
C ALA B 347 2.62 -7.77 -15.80
N VAL B 348 2.22 -8.25 -14.62
N VAL B 348 2.23 -8.28 -14.63
CA VAL B 348 1.07 -9.14 -14.50
CA VAL B 348 1.03 -9.14 -14.58
C VAL B 348 -0.25 -8.40 -14.76
C VAL B 348 -0.22 -8.35 -14.94
N SER B 349 -0.28 -7.10 -14.46
CA SER B 349 -1.43 -6.24 -14.76
CA SER B 349 -1.43 -6.26 -14.76
C SER B 349 -1.59 -6.04 -16.26
N VAL B 350 -0.49 -5.77 -16.95
CA VAL B 350 -0.52 -5.63 -18.42
C VAL B 350 -1.15 -6.89 -19.01
N ALA B 351 -0.69 -8.06 -18.57
CA ALA B 351 -1.20 -9.34 -19.05
C ALA B 351 -2.68 -9.50 -18.72
N SER B 352 -3.07 -9.13 -17.49
CA SER B 352 -4.47 -9.23 -17.07
C SER B 352 -5.40 -8.34 -17.91
N VAL B 353 -4.97 -7.10 -18.15
CA VAL B 353 -5.75 -6.16 -18.97
C VAL B 353 -5.85 -6.65 -20.42
N GLU B 354 -4.73 -7.05 -21.01
CA GLU B 354 -4.72 -7.54 -22.39
C GLU B 354 -5.59 -8.78 -22.57
N LEU B 355 -5.60 -9.65 -21.56
CA LEU B 355 -6.42 -10.87 -21.59
C LEU B 355 -7.91 -10.54 -21.57
N LEU B 356 -8.28 -9.53 -20.78
CA LEU B 356 -9.66 -9.05 -20.72
C LEU B 356 -10.07 -8.44 -22.07
N LEU B 357 -9.20 -7.60 -22.63
CA LEU B 357 -9.52 -6.86 -23.86
C LEU B 357 -9.50 -7.74 -25.09
N GLY B 358 -8.76 -8.84 -25.03
CA GLY B 358 -8.57 -9.75 -26.15
C GLY B 358 -9.68 -10.77 -26.34
N GLN B 359 -10.64 -10.79 -25.42
CA GLN B 359 -11.82 -11.65 -25.51
C GLN B 359 -13.07 -10.80 -25.61
N ASP B 360 -14.21 -11.45 -25.85
CA ASP B 360 -15.50 -10.76 -25.84
C ASP B 360 -15.98 -10.71 -24.39
N TRP B 361 -15.38 -9.83 -23.61
CA TRP B 361 -15.69 -9.74 -22.18
C TRP B 361 -17.11 -9.29 -21.94
N ARG B 362 -17.65 -8.46 -22.83
CA ARG B 362 -19.02 -7.95 -22.66
C ARG B 362 -20.04 -9.08 -22.66
N THR B 363 -19.94 -9.97 -23.65
CA THR B 363 -20.78 -11.16 -23.73
C THR B 363 -20.59 -12.05 -22.50
N ARG B 364 -19.33 -12.24 -22.08
CA ARG B 364 -19.04 -13.04 -20.90
C ARG B 364 -19.78 -12.53 -19.66
N ILE B 365 -19.70 -11.23 -19.40
CA ILE B 365 -20.36 -10.63 -18.23
C ILE B 365 -21.89 -10.74 -18.33
N THR B 366 -22.41 -10.56 -19.53
CA THR B 366 -23.84 -10.67 -19.78
C THR B 366 -24.33 -12.09 -19.44
N GLU B 367 -23.57 -13.09 -19.88
CA GLU B 367 -23.88 -14.48 -19.56
C GLU B 367 -23.83 -14.73 -18.05
N LEU B 368 -22.82 -14.17 -17.38
CA LEU B 368 -22.69 -14.30 -15.94
C LEU B 368 -23.85 -13.65 -15.20
N ALA B 369 -24.22 -12.44 -15.62
CA ALA B 369 -25.37 -11.73 -15.08
C ALA B 369 -26.64 -12.58 -15.23
N ALA B 370 -26.85 -13.13 -16.43
CA ALA B 370 -28.00 -14.01 -16.69
C ALA B 370 -27.98 -15.23 -15.77
N GLY B 371 -26.81 -15.86 -15.65
CA GLY B 371 -26.65 -17.01 -14.76
C GLY B 371 -26.99 -16.68 -13.32
N LEU B 372 -26.51 -15.52 -12.85
CA LEU B 372 -26.77 -15.10 -11.48
C LEU B 372 -28.26 -14.83 -11.26
N THR B 373 -28.87 -14.11 -12.20
CA THR B 373 -30.29 -13.79 -12.16
C THR B 373 -31.14 -15.06 -12.05
N ALA B 374 -30.87 -16.02 -12.95
CA ALA B 374 -31.60 -17.28 -12.99
C ALA B 374 -31.44 -18.10 -11.72
N GLY B 375 -30.20 -18.19 -11.23
CA GLY B 375 -29.91 -18.98 -10.03
C GLY B 375 -30.45 -18.39 -8.75
N LEU B 376 -30.53 -17.06 -8.68
CA LEU B 376 -30.97 -16.38 -7.46
C LEU B 376 -32.47 -16.11 -7.42
N ASP B 377 -33.15 -16.32 -8.56
CA ASP B 377 -34.57 -16.01 -8.67
C ASP B 377 -35.44 -16.68 -7.60
N THR B 378 -35.12 -17.92 -7.24
CA THR B 378 -35.89 -18.66 -6.23
C THR B 378 -35.78 -18.05 -4.83
N ALA B 379 -34.72 -17.28 -4.59
CA ALA B 379 -34.51 -16.63 -3.29
C ALA B 379 -35.54 -15.52 -3.00
N ARG B 380 -36.09 -14.94 -4.05
CA ARG B 380 -37.05 -13.85 -3.91
C ARG B 380 -38.26 -14.24 -3.06
N ALA B 381 -38.71 -15.49 -3.19
CA ALA B 381 -39.88 -16.01 -2.48
C ALA B 381 -39.61 -16.44 -1.04
N LEU B 382 -38.32 -16.48 -0.66
CA LEU B 382 -37.94 -16.92 0.69
C LEU B 382 -38.35 -15.91 1.77
N PRO B 383 -38.78 -16.41 2.95
CA PRO B 383 -39.37 -15.57 4.01
C PRO B 383 -38.49 -14.41 4.48
N ALA B 384 -37.21 -14.68 4.66
CA ALA B 384 -36.28 -13.71 5.26
C ALA B 384 -35.57 -12.82 4.23
N VAL B 385 -35.96 -12.92 2.96
CA VAL B 385 -35.32 -12.18 1.88
C VAL B 385 -36.07 -10.89 1.56
N THR B 386 -35.36 -9.76 1.62
CA THR B 386 -35.95 -8.45 1.33
C THR B 386 -35.68 -7.97 -0.09
N ASP B 387 -34.57 -8.39 -0.67
CA ASP B 387 -34.22 -8.02 -2.04
C ASP B 387 -33.28 -9.04 -2.68
N VAL B 388 -33.42 -9.22 -3.98
CA VAL B 388 -32.44 -9.97 -4.78
C VAL B 388 -32.05 -9.07 -5.95
N ARG B 389 -30.76 -8.81 -6.10
CA ARG B 389 -30.30 -7.90 -7.14
C ARG B 389 -29.00 -8.36 -7.83
N VAL B 390 -28.93 -8.07 -9.12
CA VAL B 390 -27.79 -8.45 -9.96
C VAL B 390 -27.38 -7.26 -10.82
N CYS B 391 -26.07 -7.02 -10.88
CA CYS B 391 -25.52 -6.01 -11.77
C CYS B 391 -24.22 -6.56 -12.36
N GLY B 392 -24.26 -6.89 -13.65
CA GLY B 392 -23.14 -7.57 -14.28
C GLY B 392 -22.81 -8.84 -13.52
N ALA B 393 -21.52 -9.06 -13.27
CA ALA B 393 -21.08 -10.24 -12.54
C ALA B 393 -21.09 -10.03 -11.02
N ILE B 394 -22.20 -9.49 -10.52
CA ILE B 394 -22.41 -9.27 -9.09
C ILE B 394 -23.81 -9.76 -8.74
N GLY B 395 -23.90 -10.64 -7.75
CA GLY B 395 -25.19 -11.17 -7.31
C GLY B 395 -25.38 -10.97 -5.83
N VAL B 396 -26.53 -10.44 -5.43
CA VAL B 396 -26.80 -10.12 -4.02
C VAL B 396 -28.17 -10.59 -3.57
N ILE B 397 -28.20 -11.29 -2.44
CA ILE B 397 -29.43 -11.53 -1.68
C ILE B 397 -29.35 -10.73 -0.39
N GLU B 398 -30.27 -9.78 -0.22
CA GLU B 398 -30.38 -9.03 1.02
C GLU B 398 -31.44 -9.67 1.92
N CYS B 399 -31.06 -9.92 3.17
CA CYS B 399 -31.96 -10.53 4.14
C CYS B 399 -32.51 -9.50 5.12
N ASP B 400 -33.52 -9.89 5.90
CA ASP B 400 -34.15 -8.99 6.87
C ASP B 400 -33.48 -9.02 8.24
N ARG B 401 -32.36 -9.74 8.34
CA ARG B 401 -31.61 -9.90 9.58
C ARG B 401 -30.15 -10.30 9.30
N PRO B 402 -29.25 -10.15 10.30
CA PRO B 402 -27.85 -10.55 10.10
C PRO B 402 -27.72 -12.04 9.77
N VAL B 403 -26.87 -12.36 8.79
CA VAL B 403 -26.60 -13.74 8.40
C VAL B 403 -25.59 -14.35 9.38
N ASP B 404 -25.99 -15.45 10.03
CA ASP B 404 -25.14 -16.13 11.00
C ASP B 404 -24.02 -16.92 10.31
N LEU B 405 -22.78 -16.46 10.51
CA LEU B 405 -21.60 -17.06 9.87
C LEU B 405 -21.34 -18.51 10.27
N ALA B 406 -21.68 -18.86 11.51
CA ALA B 406 -21.49 -20.23 12.01
C ALA B 406 -22.46 -21.21 11.35
N VAL B 407 -23.57 -20.69 10.83
CA VAL B 407 -24.54 -21.48 10.08
C VAL B 407 -24.25 -21.40 8.57
N ALA B 408 -23.85 -20.21 8.11
CA ALA B 408 -23.64 -19.95 6.67
C ALA B 408 -22.45 -20.69 6.07
N THR B 409 -21.35 -20.76 6.82
CA THR B 409 -20.11 -21.37 6.35
C THR B 409 -20.20 -22.88 6.07
N PRO B 410 -20.68 -23.69 7.04
CA PRO B 410 -20.76 -25.13 6.75
C PRO B 410 -21.72 -25.46 5.61
N ALA B 411 -22.82 -24.71 5.50
CA ALA B 411 -23.82 -24.92 4.46
C ALA B 411 -23.28 -24.65 3.07
N ALA B 412 -22.45 -23.61 2.95
CA ALA B 412 -21.82 -23.26 1.69
C ALA B 412 -20.67 -24.24 1.38
N LEU B 413 -19.88 -24.57 2.40
CA LEU B 413 -18.78 -25.52 2.24
C LEU B 413 -19.24 -26.91 1.82
N ASP B 414 -20.38 -27.38 2.37
CA ASP B 414 -21.00 -28.62 1.92
C ASP B 414 -21.30 -28.60 0.42
N ARG B 415 -21.65 -27.42 -0.08
CA ARG B 415 -22.04 -27.25 -1.47
C ARG B 415 -20.87 -26.88 -2.40
N GLY B 416 -19.66 -26.93 -1.85
CA GLY B 416 -18.43 -26.69 -2.62
C GLY B 416 -18.22 -25.24 -2.99
N VAL B 417 -18.59 -24.34 -2.08
CA VAL B 417 -18.51 -22.90 -2.35
C VAL B 417 -17.96 -22.15 -1.13
N TRP B 418 -16.97 -21.29 -1.36
CA TRP B 418 -16.53 -20.34 -0.34
C TRP B 418 -17.31 -19.06 -0.48
N LEU B 419 -18.15 -18.79 0.51
CA LEU B 419 -18.91 -17.55 0.59
C LEU B 419 -18.58 -16.84 1.89
N ARG B 420 -18.61 -15.51 1.85
N ARG B 420 -18.57 -15.51 1.86
CA ARG B 420 -18.31 -14.70 3.01
CA ARG B 420 -18.30 -14.70 3.05
C ARG B 420 -19.41 -13.65 3.19
C ARG B 420 -19.40 -13.65 3.21
N PRO B 421 -20.52 -14.02 3.84
CA PRO B 421 -21.59 -13.04 4.08
C PRO B 421 -21.13 -11.99 5.08
N PHE B 422 -21.65 -10.78 4.94
CA PHE B 422 -21.45 -9.76 5.97
C PHE B 422 -22.72 -8.98 6.18
N ARG B 423 -22.95 -8.57 7.43
CA ARG B 423 -24.21 -7.97 7.85
C ARG B 423 -25.39 -8.85 7.42
N ASN B 424 -26.34 -8.29 6.68
CA ASN B 424 -27.53 -9.03 6.24
C ASN B 424 -27.43 -9.50 4.78
N LEU B 425 -26.22 -9.55 4.26
CA LEU B 425 -26.00 -9.76 2.82
C LEU B 425 -25.31 -11.07 2.49
N VAL B 426 -25.91 -11.83 1.58
CA VAL B 426 -25.27 -13.01 1.00
C VAL B 426 -24.97 -12.63 -0.45
N TYR B 427 -23.70 -12.61 -0.82
CA TYR B 427 -23.33 -12.06 -2.12
C TYR B 427 -22.15 -12.75 -2.81
N ALA B 428 -22.08 -12.57 -4.13
CA ALA B 428 -20.97 -13.11 -4.92
C ALA B 428 -20.55 -12.18 -6.04
N MET B 429 -19.25 -12.22 -6.35
CA MET B 429 -18.67 -11.53 -7.48
C MET B 429 -17.72 -12.55 -8.12
N PRO B 430 -18.27 -13.50 -8.91
CA PRO B 430 -17.47 -14.65 -9.32
C PRO B 430 -16.40 -14.34 -10.37
N PRO B 431 -15.35 -15.17 -10.45
CA PRO B 431 -14.39 -15.05 -11.55
C PRO B 431 -15.09 -15.10 -12.90
N TYR B 432 -14.60 -14.35 -13.89
CA TYR B 432 -15.25 -14.27 -15.20
C TYR B 432 -15.18 -15.60 -15.94
N ILE B 433 -14.25 -16.46 -15.52
CA ILE B 433 -14.02 -17.76 -16.15
C ILE B 433 -15.01 -18.83 -15.67
N CYS B 434 -15.88 -18.50 -14.73
CA CYS B 434 -16.85 -19.46 -14.21
C CYS B 434 -17.81 -19.97 -15.30
N THR B 435 -17.94 -21.28 -15.39
CA THR B 435 -18.86 -21.93 -16.31
C THR B 435 -20.29 -21.82 -15.79
N PRO B 436 -21.31 -21.98 -16.68
CA PRO B 436 -22.69 -22.02 -16.20
C PRO B 436 -22.93 -22.99 -15.04
N ALA B 437 -22.30 -24.16 -15.08
CA ALA B 437 -22.42 -25.13 -13.99
C ALA B 437 -21.89 -24.56 -12.67
N GLU B 438 -20.78 -23.84 -12.74
CA GLU B 438 -20.17 -23.26 -11.53
C GLU B 438 -21.03 -22.12 -10.98
N ILE B 439 -21.62 -21.34 -11.87
CA ILE B 439 -22.54 -20.26 -11.50
C ILE B 439 -23.79 -20.84 -10.82
N THR B 440 -24.29 -21.95 -11.37
CA THR B 440 -25.41 -22.69 -10.75
C THR B 440 -25.05 -23.18 -9.34
N GLN B 441 -23.85 -23.73 -9.20
CA GLN B 441 -23.32 -24.19 -7.92
C GLN B 441 -23.23 -23.02 -6.92
N ILE B 442 -22.69 -21.89 -7.37
CA ILE B 442 -22.54 -20.71 -6.50
C ILE B 442 -23.90 -20.18 -6.03
N THR B 443 -24.81 -19.98 -6.97
CA THR B 443 -26.14 -19.44 -6.66
C THR B 443 -26.97 -20.38 -5.75
N SER B 444 -26.88 -21.69 -6.00
CA SER B 444 -27.59 -22.67 -5.17
CA SER B 444 -27.59 -22.66 -5.17
C SER B 444 -27.15 -22.58 -3.71
N ALA B 445 -25.84 -22.39 -3.50
CA ALA B 445 -25.30 -22.25 -2.16
C ALA B 445 -25.80 -20.97 -1.49
N MET B 446 -25.85 -19.88 -2.27
CA MET B 446 -26.37 -18.60 -1.77
C MET B 446 -27.84 -18.72 -1.38
N VAL B 447 -28.64 -19.37 -2.23
CA VAL B 447 -30.07 -19.56 -1.97
C VAL B 447 -30.27 -20.38 -0.68
N GLU B 448 -29.47 -21.42 -0.49
CA GLU B 448 -29.51 -22.24 0.72
C GLU B 448 -29.14 -21.49 1.99
N VAL B 449 -28.14 -20.62 1.90
CA VAL B 449 -27.74 -19.79 3.04
C VAL B 449 -28.91 -18.89 3.43
N ALA B 450 -29.56 -18.29 2.43
CA ALA B 450 -30.73 -17.44 2.63
C ALA B 450 -31.92 -18.21 3.21
N ARG B 451 -32.11 -19.44 2.73
N ARG B 451 -32.11 -19.44 2.74
CA ARG B 451 -33.19 -20.31 3.22
CA ARG B 451 -33.21 -20.29 3.22
C ARG B 451 -33.01 -20.62 4.69
C ARG B 451 -33.03 -20.72 4.67
N LEU B 452 -31.77 -20.85 5.10
CA LEU B 452 -31.45 -21.16 6.50
C LEU B 452 -31.53 -19.94 7.42
N VAL B 453 -31.45 -18.75 6.84
CA VAL B 453 -31.64 -17.51 7.60
C VAL B 453 -33.10 -17.41 8.07
N GLY B 454 -34.03 -17.75 7.18
CA GLY B 454 -35.45 -17.75 7.49
C GLY B 454 -35.88 -18.99 8.25
C1 EDO C . 24.82 2.77 16.16
O1 EDO C . 25.38 4.08 16.03
C2 EDO C . 25.89 1.80 16.62
O2 EDO C . 26.25 2.10 17.97
C1 EDO D . 26.04 8.39 16.84
O1 EDO D . 26.53 8.78 18.13
C2 EDO D . 25.60 6.94 16.91
O2 EDO D . 24.98 6.56 15.68
CL CL E . 13.35 11.38 -6.83
C1 EDO F . 31.58 -10.34 -0.47
O1 EDO F . 32.36 -10.53 -1.65
C2 EDO F . 30.18 -9.86 -0.86
O2 EDO F . 29.40 -10.95 -1.37
OAE 2B6 G . 6.27 1.95 1.28
PBB 2B6 G . 6.26 3.51 1.69
OAF 2B6 G . 4.76 3.92 1.83
OAC 2B6 G . 6.93 4.35 0.67
OAR 2B6 G . 6.96 3.63 3.15
CAM 2B6 G . 6.99 4.93 3.81
CAW 2B6 G . 8.05 4.96 4.74
CAL 2B6 G . 7.76 4.78 6.09
NAQ 2B6 G . 8.77 4.81 7.07
CAU 2B6 G . 10.05 5.03 6.74
CAA 2B6 G . 11.04 5.05 7.75
CAV 2B6 G . 10.36 5.22 5.39
OAD 2B6 G . 11.68 5.43 5.08
CAY 2B6 G . 9.39 5.14 4.37
CAG 2B6 G . 9.71 5.50 3.07
NAN 2B6 G . 10.94 5.62 2.56
NAO 2B6 G . 11.01 6.38 1.47
CAT 2B6 G . 12.14 6.34 0.75
OAB 2B6 G . 13.13 5.71 1.09
CAX 2B6 G . 12.26 7.26 -0.21
NAP 2B6 G . 11.42 7.67 -1.18
CAZ 2B6 G . 11.94 8.71 -1.88
CAJ 2B6 G . 11.40 9.35 -2.92
CAH 2B6 G . 12.05 10.42 -3.57
CAI 2B6 G . 13.29 10.84 -3.12
CAK 2B6 G . 13.83 10.15 -2.03
CBA 2B6 G . 13.16 9.13 -1.46
SAS 2B6 G . 13.59 8.23 -0.21
N1 IMD H . 4.22 17.44 9.16
C2 IMD H . 4.00 18.76 9.38
N3 IMD H . 3.94 19.40 8.20
C4 IMD H . 4.12 18.50 7.23
C5 IMD H . 4.29 17.27 7.83
OAE 2B6 I . -6.59 -0.41 0.56
PBB 2B6 I . -7.38 -1.46 -0.28
OAF 2B6 I . -8.08 -2.42 0.78
OAC 2B6 I . -6.51 -2.17 -1.26
OAR 2B6 I . -8.56 -0.69 -1.09
CAM 2B6 I . -9.51 0.13 -0.40
CAW 2B6 I . -10.65 0.25 -1.21
CAL 2B6 I . -10.85 1.44 -1.90
NAQ 2B6 I . -11.97 1.63 -2.70
CAU 2B6 I . -12.90 0.66 -2.85
CAA 2B6 I . -14.02 0.88 -3.67
CAV 2B6 I . -12.72 -0.54 -2.16
OAD 2B6 I . -13.69 -1.50 -2.33
CAY 2B6 I . -11.57 -0.81 -1.37
CAG 2B6 I . -11.43 -1.94 -0.57
NAN 2B6 I . -12.31 -2.95 -0.61
NAO 2B6 I . -12.26 -3.79 0.36
CAT 2B6 I . -12.98 -4.93 0.25
OAB 2B6 I . -13.81 -5.11 -0.66
CAX 2B6 I . -13.04 -5.68 1.35
NAP 2B6 I . -12.26 -5.62 2.43
CAZ 2B6 I . -12.63 -6.44 3.45
CAJ 2B6 I . -12.02 -6.62 4.63
CAH 2B6 I . -12.52 -7.50 5.60
CAI 2B6 I . -13.69 -8.20 5.32
CAK 2B6 I . -14.31 -7.98 4.08
CBA 2B6 I . -13.78 -7.12 3.20
SAS 2B6 I . -14.30 -6.70 1.68
C1 EDO J . -27.50 -0.98 -12.96
O1 EDO J . -26.79 -0.34 -14.02
C2 EDO J . -27.73 -0.02 -11.81
O2 EDO J . -29.13 0.30 -11.71
#